data_9CVA
#
_entry.id   9CVA
#
_cell.length_a   45.380
_cell.length_b   70.750
_cell.length_c   90.650
_cell.angle_alpha   90.000
_cell.angle_beta   92.360
_cell.angle_gamma   90.000
#
_symmetry.space_group_name_H-M   'P 1 21 1'
#
loop_
_entity.id
_entity.type
_entity.pdbx_description
1 polymer Ribokinase
2 non-polymer GLYCEROL
3 non-polymer 'PHOSPHOMETHYLPHOSPHONIC ACID ADENOSYL ESTER'
4 non-polymer DI(HYDROXYETHYL)ETHER
5 non-polymer 'POTASSIUM ION'
6 non-polymer 'MAGNESIUM ION'
7 non-polymer 'TETRAETHYLENE GLYCOL'
8 non-polymer 'CHLORIDE ION'
9 water water
#
_entity_poly.entity_id   1
_entity_poly.type   'polypeptide(L)'
_entity_poly.pdbx_seq_one_letter_code
;MAASGEPQRQWQEEVAAVVVVGSCMTDLVSLTSRLPKTGETIHGHKFFIGFGGKGANQCVQAARLGAMTSMVCKVGKDSF
GNDYIENLKQNDISTEFTYQTKDAATGTASIIVNNEGQNIIVIVAGANLLLNTEDLRAAANVISRAKVMVCQLEITPATS
LEALTMARRSGVKTLFNPAPAIADLDPQFYTLSDVFCCNESEAEILTGLTVGSAADAGEAALVLLKRGCQVVIITLGAEG
CVVLSQTEPEPKHIPTEKVKAVDTTGAGDSFVGALAFYLAYYPNLSLEDMLNRSNFIAAVSVQAAGTQSSYPYKKDLPLT
LFLEHHHHHH
;
_entity_poly.pdbx_strand_id   A,B
#
# COMPACT_ATOMS: atom_id res chain seq x y z
N GLU A 14 -36.75 -0.36 -3.14
CA GLU A 14 -36.95 -1.62 -2.37
C GLU A 14 -36.01 -2.68 -2.96
N VAL A 15 -36.42 -3.31 -4.07
CA VAL A 15 -35.68 -4.43 -4.62
C VAL A 15 -34.49 -3.88 -5.41
N ALA A 16 -33.31 -4.47 -5.19
CA ALA A 16 -32.15 -4.12 -6.00
C ALA A 16 -32.34 -4.66 -7.42
N ALA A 17 -32.27 -3.76 -8.40
CA ALA A 17 -32.41 -4.19 -9.78
C ALA A 17 -31.04 -4.62 -10.35
N VAL A 18 -29.97 -4.02 -9.83
CA VAL A 18 -28.62 -4.27 -10.31
C VAL A 18 -27.84 -4.88 -9.15
N VAL A 19 -27.38 -6.11 -9.35
CA VAL A 19 -26.61 -6.81 -8.35
C VAL A 19 -25.23 -7.04 -8.92
N VAL A 20 -24.23 -6.53 -8.24
CA VAL A 20 -22.84 -6.68 -8.69
C VAL A 20 -22.18 -7.67 -7.75
N VAL A 21 -21.70 -8.80 -8.29
CA VAL A 21 -20.99 -9.79 -7.51
C VAL A 21 -19.53 -9.65 -7.91
N GLY A 22 -18.71 -9.07 -7.07
CA GLY A 22 -17.35 -8.76 -7.50
C GLY A 22 -16.55 -8.07 -6.42
N SER A 23 -15.58 -7.25 -6.86
CA SER A 23 -14.45 -6.88 -6.03
C SER A 23 -14.57 -5.48 -5.45
N CYS A 24 -13.99 -5.34 -4.24
CA CYS A 24 -13.68 -4.05 -3.60
C CYS A 24 -12.18 -4.06 -3.28
N MET A 25 -11.51 -2.95 -3.54
N MET A 25 -11.52 -2.96 -3.54
CA MET A 25 -10.08 -2.84 -3.31
CA MET A 25 -10.10 -2.84 -3.27
C MET A 25 -9.82 -1.45 -2.75
C MET A 25 -9.84 -1.44 -2.74
N THR A 26 -8.98 -1.36 -1.73
CA THR A 26 -8.51 -0.09 -1.22
C THR A 26 -7.29 0.34 -2.04
N ASP A 27 -7.37 1.53 -2.59
CA ASP A 27 -6.30 2.11 -3.38
C ASP A 27 -5.33 2.83 -2.43
N LEU A 28 -4.06 2.42 -2.46
CA LEU A 28 -3.03 3.03 -1.62
C LEU A 28 -2.08 3.76 -2.54
N VAL A 29 -2.20 5.08 -2.58
CA VAL A 29 -1.58 5.85 -3.66
C VAL A 29 -0.44 6.71 -3.12
N SER A 30 0.73 6.57 -3.75
CA SER A 30 1.87 7.38 -3.44
C SER A 30 2.23 8.21 -4.68
N LEU A 31 2.36 9.51 -4.52
CA LEU A 31 2.76 10.39 -5.59
C LEU A 31 4.25 10.70 -5.47
N THR A 32 4.96 10.58 -6.61
CA THR A 32 6.39 10.71 -6.67
C THR A 32 6.75 11.60 -7.87
N SER A 33 8.00 12.04 -7.94
N SER A 33 8.00 12.04 -7.92
CA SER A 33 8.48 12.77 -9.09
CA SER A 33 8.53 12.76 -9.08
C SER A 33 8.86 11.78 -10.21
C SER A 33 8.84 11.77 -10.21
N ARG A 34 9.46 10.64 -9.84
CA ARG A 34 9.91 9.62 -10.76
C ARG A 34 9.45 8.26 -10.24
N LEU A 35 9.22 7.30 -11.14
CA LEU A 35 8.91 5.93 -10.74
C LEU A 35 10.20 5.23 -10.33
N PRO A 36 10.16 4.38 -9.28
CA PRO A 36 11.35 3.63 -8.88
C PRO A 36 11.61 2.47 -9.83
N LYS A 37 12.89 2.16 -10.03
CA LYS A 37 13.30 0.91 -10.65
C LYS A 37 13.58 -0.12 -9.57
N THR A 38 13.56 -1.41 -9.96
CA THR A 38 14.01 -2.52 -9.14
C THR A 38 15.15 -2.08 -8.21
N GLY A 39 14.98 -2.39 -6.92
CA GLY A 39 16.04 -2.21 -5.94
C GLY A 39 16.01 -0.84 -5.28
N GLU A 40 15.21 0.10 -5.82
CA GLU A 40 15.32 1.50 -5.42
C GLU A 40 14.37 1.82 -4.27
N THR A 41 14.85 2.58 -3.29
CA THR A 41 14.03 3.32 -2.36
C THR A 41 14.00 4.78 -2.80
N ILE A 42 12.81 5.34 -2.96
CA ILE A 42 12.64 6.73 -3.31
C ILE A 42 11.69 7.36 -2.29
N HIS A 43 11.76 8.68 -2.18
CA HIS A 43 10.78 9.42 -1.41
C HIS A 43 9.75 10.05 -2.32
N GLY A 44 8.47 9.87 -1.96
CA GLY A 44 7.34 10.53 -2.56
C GLY A 44 6.92 11.74 -1.73
N HIS A 45 5.96 12.51 -2.25
CA HIS A 45 5.60 13.78 -1.63
C HIS A 45 4.17 13.74 -1.08
N LYS A 46 3.40 12.70 -1.40
CA LYS A 46 2.03 12.60 -0.92
C LYS A 46 1.57 11.16 -0.95
N PHE A 47 0.74 10.78 0.06
CA PHE A 47 0.11 9.49 0.12
C PHE A 47 -1.37 9.73 0.37
N PHE A 48 -2.24 8.99 -0.30
CA PHE A 48 -3.65 9.04 0.06
C PHE A 48 -4.32 7.71 -0.25
N ILE A 49 -5.50 7.50 0.35
CA ILE A 49 -6.31 6.30 0.20
C ILE A 49 -7.50 6.63 -0.67
N GLY A 50 -7.83 5.72 -1.59
CA GLY A 50 -9.00 5.82 -2.45
C GLY A 50 -9.75 4.49 -2.49
N PHE A 51 -10.97 4.51 -3.00
CA PHE A 51 -11.77 3.31 -3.12
C PHE A 51 -11.82 2.84 -4.58
N GLY A 52 -11.45 1.58 -4.79
CA GLY A 52 -11.46 0.99 -6.12
C GLY A 52 -11.99 -0.43 -6.08
N GLY A 53 -11.54 -1.23 -7.04
CA GLY A 53 -12.15 -2.54 -7.30
C GLY A 53 -13.11 -2.43 -8.46
N LYS A 54 -13.00 -3.29 -9.49
CA LYS A 54 -13.87 -3.15 -10.64
C LYS A 54 -15.35 -3.30 -10.27
N GLY A 55 -15.66 -4.26 -9.40
CA GLY A 55 -17.02 -4.49 -9.00
C GLY A 55 -17.64 -3.27 -8.32
N ALA A 56 -16.94 -2.73 -7.32
CA ALA A 56 -17.44 -1.57 -6.62
C ALA A 56 -17.50 -0.35 -7.54
N ASN A 57 -16.50 -0.17 -8.41
CA ASN A 57 -16.52 0.94 -9.34
C ASN A 57 -17.78 0.89 -10.21
N GLN A 58 -18.09 -0.32 -10.75
CA GLN A 58 -19.25 -0.43 -11.63
C GLN A 58 -20.54 -0.18 -10.86
N CYS A 59 -20.60 -0.70 -9.63
CA CYS A 59 -21.77 -0.55 -8.78
C CYS A 59 -21.99 0.91 -8.43
N VAL A 60 -20.89 1.65 -8.18
CA VAL A 60 -20.96 3.05 -7.83
C VAL A 60 -21.49 3.88 -9.02
N GLN A 61 -21.00 3.61 -10.25
CA GLN A 61 -21.54 4.34 -11.40
C GLN A 61 -23.06 4.06 -11.56
N ALA A 62 -23.47 2.79 -11.44
CA ALA A 62 -24.88 2.46 -11.62
C ALA A 62 -25.74 3.19 -10.57
N ALA A 63 -25.28 3.20 -9.31
CA ALA A 63 -26.01 3.80 -8.20
C ALA A 63 -26.16 5.32 -8.41
N ARG A 64 -25.09 5.95 -8.92
CA ARG A 64 -25.12 7.39 -9.14
C ARG A 64 -26.07 7.75 -10.29
N LEU A 65 -26.37 6.81 -11.19
CA LEU A 65 -27.33 7.07 -12.26
C LEU A 65 -28.77 6.84 -11.76
N GLY A 66 -28.91 6.29 -10.52
CA GLY A 66 -30.23 6.11 -9.93
C GLY A 66 -30.63 4.67 -9.70
N ALA A 67 -29.77 3.71 -10.07
CA ALA A 67 -30.06 2.30 -9.87
C ALA A 67 -30.16 2.01 -8.37
N MET A 68 -31.11 1.12 -8.02
CA MET A 68 -31.10 0.42 -6.76
C MET A 68 -30.16 -0.77 -6.90
N THR A 69 -28.99 -0.66 -6.23
CA THR A 69 -27.90 -1.62 -6.38
C THR A 69 -27.64 -2.34 -5.08
N SER A 70 -27.02 -3.50 -5.22
CA SER A 70 -26.50 -4.27 -4.10
C SER A 70 -25.15 -4.85 -4.53
N MET A 71 -24.17 -4.73 -3.63
CA MET A 71 -22.81 -5.21 -3.83
C MET A 71 -22.59 -6.51 -3.07
N VAL A 72 -22.42 -7.63 -3.77
CA VAL A 72 -22.07 -8.90 -3.17
C VAL A 72 -20.55 -9.04 -3.22
N CYS A 73 -19.89 -8.96 -2.07
CA CYS A 73 -18.44 -8.83 -2.06
C CYS A 73 -17.94 -9.26 -0.68
N LYS A 74 -16.62 -9.36 -0.55
CA LYS A 74 -16.02 -9.70 0.72
C LYS A 74 -14.79 -8.83 0.94
N VAL A 75 -14.75 -8.19 2.12
CA VAL A 75 -13.63 -7.36 2.52
C VAL A 75 -13.06 -7.98 3.79
N GLY A 76 -11.99 -7.41 4.33
CA GLY A 76 -11.45 -7.88 5.58
C GLY A 76 -12.22 -7.28 6.77
N LYS A 77 -12.16 -7.99 7.89
CA LYS A 77 -12.56 -7.46 9.19
C LYS A 77 -11.40 -6.63 9.71
N ASP A 78 -11.25 -5.47 9.08
CA ASP A 78 -10.12 -4.57 9.27
C ASP A 78 -10.62 -3.16 8.97
N SER A 79 -9.77 -2.18 9.30
CA SER A 79 -10.10 -0.79 9.08
C SER A 79 -10.47 -0.49 7.62
N PHE A 80 -9.68 -1.01 6.67
CA PHE A 80 -9.96 -0.82 5.25
C PHE A 80 -11.36 -1.35 4.91
N GLY A 81 -11.71 -2.52 5.45
CA GLY A 81 -13.00 -3.12 5.17
C GLY A 81 -14.21 -2.33 5.71
N ASN A 82 -14.07 -1.87 6.95
CA ASN A 82 -15.09 -1.05 7.58
C ASN A 82 -15.23 0.24 6.77
N ASP A 83 -14.11 0.83 6.34
CA ASP A 83 -14.16 2.04 5.52
C ASP A 83 -14.86 1.79 4.20
N TYR A 84 -14.63 0.63 3.61
CA TYR A 84 -15.22 0.29 2.32
C TYR A 84 -16.74 0.21 2.47
N ILE A 85 -17.22 -0.43 3.55
CA ILE A 85 -18.66 -0.49 3.81
C ILE A 85 -19.25 0.91 3.89
N GLU A 86 -18.57 1.84 4.59
CA GLU A 86 -19.06 3.19 4.66
C GLU A 86 -19.09 3.86 3.28
N ASN A 87 -18.08 3.60 2.44
CA ASN A 87 -18.04 4.15 1.07
C ASN A 87 -19.27 3.68 0.27
N LEU A 88 -19.63 2.40 0.41
CA LEU A 88 -20.81 1.89 -0.29
C LEU A 88 -22.07 2.58 0.20
N LYS A 89 -22.21 2.77 1.52
CA LYS A 89 -23.39 3.41 2.08
C LYS A 89 -23.48 4.86 1.58
N GLN A 90 -22.34 5.56 1.53
CA GLN A 90 -22.31 6.95 1.09
C GLN A 90 -22.74 7.07 -0.36
N ASN A 91 -22.60 6.00 -1.15
CA ASN A 91 -23.04 5.98 -2.54
C ASN A 91 -24.44 5.36 -2.68
N ASP A 92 -25.19 5.15 -1.57
CA ASP A 92 -26.55 4.61 -1.59
C ASP A 92 -26.62 3.19 -2.19
N ILE A 93 -25.55 2.43 -1.95
CA ILE A 93 -25.48 1.03 -2.33
C ILE A 93 -25.90 0.17 -1.15
N SER A 94 -26.70 -0.88 -1.38
CA SER A 94 -27.02 -1.82 -0.30
C SER A 94 -25.76 -2.58 0.13
N THR A 95 -25.58 -2.70 1.47
CA THR A 95 -24.43 -3.38 2.03
C THR A 95 -24.87 -4.70 2.68
N GLU A 96 -26.06 -5.15 2.33
CA GLU A 96 -26.60 -6.35 2.96
C GLU A 96 -25.83 -7.61 2.57
N PHE A 97 -24.98 -7.58 1.53
CA PHE A 97 -24.18 -8.74 1.14
C PHE A 97 -22.71 -8.36 1.01
N THR A 98 -22.29 -7.34 1.77
CA THR A 98 -20.89 -7.00 1.93
C THR A 98 -20.34 -7.73 3.16
N TYR A 99 -19.70 -8.86 2.90
CA TYR A 99 -19.18 -9.77 3.90
C TYR A 99 -17.80 -9.36 4.37
N GLN A 100 -17.41 -9.80 5.57
CA GLN A 100 -16.09 -9.53 6.14
C GLN A 100 -15.44 -10.83 6.57
N THR A 101 -14.10 -10.88 6.52
CA THR A 101 -13.40 -12.10 6.88
C THR A 101 -12.18 -11.72 7.73
N LYS A 102 -11.93 -12.51 8.79
CA LYS A 102 -10.73 -12.39 9.59
C LYS A 102 -9.54 -13.11 8.90
N ASP A 103 -9.80 -13.87 7.83
CA ASP A 103 -8.82 -14.80 7.26
C ASP A 103 -7.97 -14.16 6.16
N ALA A 104 -8.28 -12.91 5.76
CA ALA A 104 -7.47 -12.18 4.80
C ALA A 104 -7.73 -10.69 4.93
N ALA A 105 -6.74 -9.87 4.57
CA ALA A 105 -6.88 -8.43 4.51
C ALA A 105 -7.81 -8.03 3.38
N THR A 106 -8.45 -6.86 3.50
CA THR A 106 -9.17 -6.27 2.37
C THR A 106 -8.25 -6.20 1.15
N GLY A 107 -8.78 -6.50 -0.05
CA GLY A 107 -8.03 -6.30 -1.27
C GLY A 107 -7.36 -4.92 -1.35
N THR A 108 -6.18 -4.88 -1.97
CA THR A 108 -5.43 -3.64 -2.06
C THR A 108 -4.89 -3.44 -3.47
N ALA A 109 -4.85 -2.19 -3.88
CA ALA A 109 -4.09 -1.77 -5.05
C ALA A 109 -3.07 -0.74 -4.58
N SER A 110 -1.78 -1.11 -4.60
N SER A 110 -1.78 -1.10 -4.63
CA SER A 110 -0.74 -0.17 -4.25
CA SER A 110 -0.69 -0.22 -4.24
C SER A 110 -0.27 0.49 -5.54
C SER A 110 -0.23 0.48 -5.51
N ILE A 111 -0.41 1.82 -5.56
CA ILE A 111 -0.31 2.57 -6.80
C ILE A 111 0.76 3.65 -6.62
N ILE A 112 1.79 3.64 -7.48
CA ILE A 112 2.78 4.69 -7.47
C ILE A 112 2.59 5.52 -8.73
N VAL A 113 2.53 6.86 -8.60
CA VAL A 113 2.21 7.73 -9.73
C VAL A 113 3.23 8.83 -9.80
N ASN A 114 3.79 9.12 -11.00
CA ASN A 114 4.72 10.22 -11.16
C ASN A 114 3.99 11.51 -11.59
N ASN A 115 4.75 12.59 -11.78
CA ASN A 115 4.15 13.90 -12.04
C ASN A 115 3.50 13.98 -13.42
N GLU A 116 3.80 13.01 -14.30
CA GLU A 116 3.16 12.95 -15.61
C GLU A 116 1.97 12.01 -15.60
N GLY A 117 1.67 11.35 -14.46
CA GLY A 117 0.48 10.53 -14.38
C GLY A 117 0.73 9.08 -14.79
N GLN A 118 1.99 8.72 -15.05
CA GLN A 118 2.36 7.33 -15.27
C GLN A 118 2.39 6.59 -13.93
N ASN A 119 2.11 5.30 -13.98
CA ASN A 119 2.00 4.55 -12.73
C ASN A 119 2.58 3.14 -12.85
N ILE A 120 2.90 2.60 -11.67
CA ILE A 120 3.04 1.16 -11.44
C ILE A 120 2.02 0.73 -10.42
N ILE A 121 1.40 -0.45 -10.62
CA ILE A 121 0.32 -0.91 -9.76
C ILE A 121 0.56 -2.36 -9.35
N VAL A 122 0.40 -2.64 -8.06
CA VAL A 122 0.41 -4.01 -7.57
C VAL A 122 -0.92 -4.27 -6.86
N ILE A 123 -1.69 -5.19 -7.43
CA ILE A 123 -2.98 -5.56 -6.84
C ILE A 123 -2.82 -6.85 -6.02
N VAL A 124 -3.36 -6.84 -4.79
CA VAL A 124 -3.44 -8.07 -4.02
C VAL A 124 -4.93 -8.29 -3.77
N ALA A 125 -5.49 -9.36 -4.37
CA ALA A 125 -6.94 -9.50 -4.27
C ALA A 125 -7.42 -9.75 -2.85
N GLY A 126 -6.63 -10.43 -2.01
CA GLY A 126 -6.93 -10.54 -0.58
C GLY A 126 -8.31 -11.16 -0.32
N ALA A 127 -9.10 -10.50 0.53
CA ALA A 127 -10.42 -10.99 0.92
C ALA A 127 -11.37 -11.26 -0.26
N ASN A 128 -11.20 -10.57 -1.39
CA ASN A 128 -12.03 -10.80 -2.58
C ASN A 128 -11.99 -12.27 -2.97
N LEU A 129 -10.82 -12.91 -2.82
CA LEU A 129 -10.71 -14.31 -3.22
C LEU A 129 -11.44 -15.27 -2.30
N LEU A 130 -11.83 -14.82 -1.12
CA LEU A 130 -12.49 -15.69 -0.16
C LEU A 130 -14.02 -15.61 -0.28
N LEU A 131 -14.56 -14.75 -1.17
CA LEU A 131 -15.99 -14.75 -1.44
C LEU A 131 -16.32 -16.14 -1.97
N ASN A 132 -17.22 -16.89 -1.30
CA ASN A 132 -17.34 -18.32 -1.52
C ASN A 132 -18.78 -18.72 -1.84
N THR A 133 -18.98 -20.04 -2.06
CA THR A 133 -20.27 -20.60 -2.39
C THR A 133 -21.30 -20.31 -1.31
N GLU A 134 -20.90 -20.38 -0.03
CA GLU A 134 -21.84 -20.14 1.06
C GLU A 134 -22.33 -18.70 1.01
N ASP A 135 -21.43 -17.77 0.71
CA ASP A 135 -21.77 -16.35 0.58
C ASP A 135 -22.76 -16.13 -0.55
N LEU A 136 -22.58 -16.85 -1.67
CA LEU A 136 -23.47 -16.69 -2.79
C LEU A 136 -24.83 -17.30 -2.47
N ARG A 137 -24.85 -18.45 -1.78
CA ARG A 137 -26.11 -19.05 -1.36
C ARG A 137 -26.91 -18.07 -0.49
N ALA A 138 -26.23 -17.35 0.41
CA ALA A 138 -26.94 -16.43 1.26
C ALA A 138 -27.47 -15.25 0.44
N ALA A 139 -26.80 -14.93 -0.67
CA ALA A 139 -27.20 -13.89 -1.62
C ALA A 139 -28.17 -14.42 -2.68
N ALA A 140 -28.60 -15.68 -2.59
CA ALA A 140 -29.33 -16.26 -3.71
C ALA A 140 -30.64 -15.50 -3.98
N ASN A 141 -31.32 -15.06 -2.92
CA ASN A 141 -32.62 -14.43 -3.10
C ASN A 141 -32.43 -13.08 -3.82
N VAL A 142 -31.43 -12.29 -3.38
CA VAL A 142 -31.14 -10.99 -3.98
C VAL A 142 -30.73 -11.17 -5.45
N ILE A 143 -29.85 -12.13 -5.75
CA ILE A 143 -29.45 -12.39 -7.14
C ILE A 143 -30.69 -12.76 -7.97
N SER A 144 -31.53 -13.65 -7.42
N SER A 144 -31.53 -13.65 -7.42
CA SER A 144 -32.65 -14.21 -8.19
CA SER A 144 -32.64 -14.21 -8.18
C SER A 144 -33.68 -13.14 -8.53
C SER A 144 -33.69 -13.15 -8.51
N ARG A 145 -33.77 -12.06 -7.73
CA ARG A 145 -34.81 -11.05 -7.90
C ARG A 145 -34.31 -9.85 -8.68
N ALA A 146 -33.04 -9.87 -9.09
CA ALA A 146 -32.41 -8.76 -9.82
C ALA A 146 -32.88 -8.76 -11.27
N LYS A 147 -32.69 -7.62 -11.93
N LYS A 147 -32.65 -7.62 -11.95
CA LYS A 147 -32.82 -7.54 -13.37
CA LYS A 147 -32.84 -7.53 -13.40
C LYS A 147 -31.51 -7.92 -14.05
C LYS A 147 -31.52 -7.76 -14.15
N VAL A 148 -30.40 -7.50 -13.44
N VAL A 148 -30.40 -7.49 -13.47
CA VAL A 148 -29.07 -7.68 -14.00
CA VAL A 148 -29.09 -7.71 -14.04
C VAL A 148 -28.10 -8.08 -12.91
C VAL A 148 -28.08 -8.05 -12.94
N MET A 149 -27.27 -9.08 -13.21
CA MET A 149 -26.17 -9.51 -12.38
C MET A 149 -24.88 -9.22 -13.15
N VAL A 150 -24.00 -8.41 -12.52
CA VAL A 150 -22.72 -8.03 -13.13
C VAL A 150 -21.57 -8.71 -12.38
N CYS A 151 -20.62 -9.27 -13.12
N CYS A 151 -20.63 -9.26 -13.14
CA CYS A 151 -19.45 -9.82 -12.48
CA CYS A 151 -19.48 -9.97 -12.60
C CYS A 151 -18.21 -9.59 -13.35
C CYS A 151 -18.21 -9.60 -13.36
N GLN A 152 -17.05 -9.81 -12.72
CA GLN A 152 -15.76 -9.61 -13.37
C GLN A 152 -14.86 -10.78 -12.99
N LEU A 153 -13.55 -10.60 -13.06
CA LEU A 153 -12.58 -11.63 -12.71
C LEU A 153 -11.59 -11.17 -11.67
N GLU A 154 -12.03 -10.34 -10.72
CA GLU A 154 -11.20 -9.96 -9.59
C GLU A 154 -11.54 -10.71 -8.29
N ILE A 155 -12.51 -11.59 -8.33
CA ILE A 155 -12.71 -12.61 -7.31
C ILE A 155 -12.22 -13.93 -7.88
N THR A 156 -12.46 -15.03 -7.16
N THR A 156 -12.44 -15.05 -7.16
CA THR A 156 -12.04 -16.33 -7.65
CA THR A 156 -11.96 -16.30 -7.72
C THR A 156 -12.88 -16.60 -8.91
C THR A 156 -12.86 -16.59 -8.91
N PRO A 157 -12.29 -17.00 -10.06
CA PRO A 157 -13.11 -17.30 -11.25
C PRO A 157 -14.27 -18.27 -10.97
N ALA A 158 -14.04 -19.32 -10.17
CA ALA A 158 -15.08 -20.26 -9.85
C ALA A 158 -16.28 -19.58 -9.19
N THR A 159 -16.05 -18.54 -8.36
CA THR A 159 -17.11 -17.81 -7.70
C THR A 159 -17.89 -16.96 -8.71
N SER A 160 -17.19 -16.32 -9.66
CA SER A 160 -17.86 -15.59 -10.72
C SER A 160 -18.72 -16.55 -11.56
N LEU A 161 -18.19 -17.74 -11.84
CA LEU A 161 -18.94 -18.72 -12.62
C LEU A 161 -20.19 -19.18 -11.88
N GLU A 162 -20.09 -19.41 -10.56
CA GLU A 162 -21.21 -19.76 -9.73
C GLU A 162 -22.29 -18.68 -9.79
N ALA A 163 -21.90 -17.40 -9.69
CA ALA A 163 -22.85 -16.31 -9.74
C ALA A 163 -23.55 -16.22 -11.09
N LEU A 164 -22.81 -16.37 -12.19
CA LEU A 164 -23.40 -16.42 -13.52
C LEU A 164 -24.41 -17.56 -13.62
N THR A 165 -24.05 -18.72 -13.08
CA THR A 165 -24.90 -19.89 -13.10
C THR A 165 -26.21 -19.58 -12.39
N MET A 166 -26.12 -19.03 -11.18
CA MET A 166 -27.30 -18.73 -10.38
C MET A 166 -28.21 -17.75 -11.11
N ALA A 167 -27.62 -16.72 -11.71
CA ALA A 167 -28.40 -15.71 -12.41
C ALA A 167 -29.08 -16.35 -13.62
N ARG A 168 -28.33 -17.14 -14.36
CA ARG A 168 -28.90 -17.78 -15.56
C ARG A 168 -30.09 -18.65 -15.18
N ARG A 169 -29.93 -19.46 -14.12
CA ARG A 169 -30.95 -20.39 -13.67
C ARG A 169 -32.24 -19.64 -13.30
N SER A 170 -32.12 -18.38 -12.84
CA SER A 170 -33.24 -17.57 -12.43
C SER A 170 -33.77 -16.67 -13.54
N GLY A 171 -33.16 -16.73 -14.73
CA GLY A 171 -33.57 -15.90 -15.84
C GLY A 171 -33.16 -14.43 -15.65
N VAL A 172 -32.09 -14.18 -14.87
CA VAL A 172 -31.61 -12.84 -14.64
C VAL A 172 -30.55 -12.56 -15.71
N LYS A 173 -30.62 -11.39 -16.34
CA LYS A 173 -29.62 -11.01 -17.34
C LYS A 173 -28.21 -10.96 -16.76
N THR A 174 -27.28 -11.64 -17.41
CA THR A 174 -25.87 -11.64 -17.00
C THR A 174 -25.07 -10.64 -17.84
N LEU A 175 -24.31 -9.78 -17.14
CA LEU A 175 -23.30 -8.91 -17.72
C LEU A 175 -21.95 -9.31 -17.15
N PHE A 176 -21.11 -9.89 -18.00
CA PHE A 176 -19.82 -10.39 -17.62
C PHE A 176 -18.72 -9.54 -18.25
N ASN A 177 -17.81 -9.03 -17.41
CA ASN A 177 -16.67 -8.23 -17.77
C ASN A 177 -15.43 -9.05 -17.44
N PRO A 178 -14.79 -9.76 -18.42
CA PRO A 178 -13.69 -10.70 -18.14
C PRO A 178 -12.38 -9.94 -17.92
N ALA A 179 -12.32 -9.32 -16.73
CA ALA A 179 -11.27 -8.36 -16.44
C ALA A 179 -10.76 -8.54 -15.02
N PRO A 180 -9.44 -8.71 -14.80
CA PRO A 180 -8.44 -8.90 -15.85
C PRO A 180 -8.63 -10.22 -16.60
N ALA A 181 -8.22 -10.27 -17.88
CA ALA A 181 -8.51 -11.44 -18.70
C ALA A 181 -7.54 -12.59 -18.41
N ILE A 182 -8.06 -13.80 -18.61
CA ILE A 182 -7.37 -15.09 -18.49
C ILE A 182 -7.44 -15.75 -19.87
N ALA A 183 -6.32 -16.21 -20.42
CA ALA A 183 -6.26 -16.72 -21.78
C ALA A 183 -7.22 -17.90 -21.97
N ASP A 184 -7.23 -18.88 -21.05
CA ASP A 184 -8.10 -20.03 -21.25
C ASP A 184 -9.18 -20.06 -20.17
N LEU A 185 -10.13 -19.16 -20.37
CA LEU A 185 -11.37 -19.12 -19.64
C LEU A 185 -12.19 -20.40 -19.83
N ASP A 186 -12.82 -20.89 -18.75
CA ASP A 186 -13.78 -21.98 -18.83
C ASP A 186 -14.79 -21.64 -19.93
N PRO A 187 -15.08 -22.53 -20.89
CA PRO A 187 -16.08 -22.26 -21.91
C PRO A 187 -17.44 -21.79 -21.38
N GLN A 188 -17.81 -22.23 -20.16
CA GLN A 188 -19.09 -21.85 -19.57
C GLN A 188 -19.20 -20.35 -19.35
N PHE A 189 -18.07 -19.65 -19.18
CA PHE A 189 -18.15 -18.21 -19.04
C PHE A 189 -18.83 -17.57 -20.23
N TYR A 190 -18.59 -18.09 -21.44
CA TYR A 190 -19.19 -17.50 -22.61
C TYR A 190 -20.67 -17.89 -22.71
N THR A 191 -20.99 -19.17 -22.50
CA THR A 191 -22.35 -19.64 -22.70
C THR A 191 -23.30 -19.07 -21.65
N LEU A 192 -22.77 -18.66 -20.48
CA LEU A 192 -23.60 -18.11 -19.41
C LEU A 192 -23.66 -16.58 -19.45
N SER A 193 -23.01 -15.94 -20.43
CA SER A 193 -22.97 -14.48 -20.57
C SER A 193 -24.01 -13.98 -21.57
N ASP A 194 -25.01 -13.23 -21.08
CA ASP A 194 -25.95 -12.56 -21.97
C ASP A 194 -25.27 -11.40 -22.68
N VAL A 195 -24.52 -10.62 -21.92
CA VAL A 195 -23.70 -9.53 -22.44
C VAL A 195 -22.27 -9.70 -21.93
N PHE A 196 -21.35 -9.75 -22.87
CA PHE A 196 -19.94 -9.99 -22.60
C PHE A 196 -19.21 -8.74 -23.03
N CYS A 197 -18.63 -8.00 -22.07
CA CYS A 197 -18.07 -6.68 -22.36
C CYS A 197 -16.63 -6.62 -21.89
N CYS A 198 -15.72 -6.26 -22.80
CA CYS A 198 -14.30 -6.20 -22.47
C CYS A 198 -13.63 -5.10 -23.26
N ASN A 199 -12.39 -4.77 -22.85
CA ASN A 199 -11.61 -3.76 -23.57
C ASN A 199 -10.66 -4.40 -24.58
N GLU A 200 -9.88 -3.56 -25.25
CA GLU A 200 -9.07 -4.07 -26.36
C GLU A 200 -8.00 -5.05 -25.85
N SER A 201 -7.39 -4.74 -24.71
N SER A 201 -7.38 -4.73 -24.71
CA SER A 201 -6.29 -5.56 -24.24
CA SER A 201 -6.31 -5.54 -24.19
C SER A 201 -6.82 -6.91 -23.74
C SER A 201 -6.82 -6.91 -23.76
N GLU A 202 -8.02 -6.93 -23.15
CA GLU A 202 -8.68 -8.17 -22.78
C GLU A 202 -9.02 -8.99 -24.02
N ALA A 203 -9.58 -8.34 -25.04
CA ALA A 203 -9.95 -9.05 -26.26
C ALA A 203 -8.72 -9.72 -26.87
N GLU A 204 -7.57 -9.04 -26.86
CA GLU A 204 -6.33 -9.62 -27.38
C GLU A 204 -5.96 -10.92 -26.64
N ILE A 205 -6.01 -10.88 -25.31
CA ILE A 205 -5.70 -12.04 -24.50
C ILE A 205 -6.66 -13.20 -24.81
N LEU A 206 -7.95 -12.89 -24.92
CA LEU A 206 -8.98 -13.92 -25.08
C LEU A 206 -8.96 -14.54 -26.46
N THR A 207 -8.56 -13.78 -27.48
CA THR A 207 -8.70 -14.23 -28.86
C THR A 207 -7.37 -14.52 -29.54
N GLY A 208 -6.26 -13.96 -29.01
CA GLY A 208 -4.96 -14.08 -29.66
C GLY A 208 -4.86 -13.26 -30.93
N LEU A 209 -5.71 -12.22 -31.08
CA LEU A 209 -5.68 -11.31 -32.20
C LEU A 209 -5.11 -9.98 -31.72
N THR A 210 -4.61 -9.15 -32.65
CA THR A 210 -4.30 -7.76 -32.32
C THR A 210 -5.63 -6.98 -32.34
N VAL A 211 -5.87 -6.21 -31.30
CA VAL A 211 -7.08 -5.41 -31.24
C VAL A 211 -6.65 -3.98 -30.89
N GLY A 212 -6.55 -3.13 -31.91
CA GLY A 212 -6.17 -1.74 -31.73
C GLY A 212 -7.21 -0.78 -32.30
N SER A 213 -8.09 -1.30 -33.18
CA SER A 213 -8.97 -0.52 -34.06
C SER A 213 -10.38 -1.11 -33.97
N ALA A 214 -11.37 -0.35 -34.43
CA ALA A 214 -12.73 -0.88 -34.52
C ALA A 214 -12.81 -2.11 -35.43
N ALA A 215 -12.03 -2.11 -36.53
CA ALA A 215 -12.04 -3.22 -37.48
C ALA A 215 -11.59 -4.49 -36.73
N ASP A 216 -10.47 -4.35 -36.01
CA ASP A 216 -9.89 -5.45 -35.26
C ASP A 216 -10.90 -5.97 -34.23
N ALA A 217 -11.60 -5.03 -33.58
CA ALA A 217 -12.57 -5.39 -32.54
C ALA A 217 -13.73 -6.16 -33.13
N GLY A 218 -14.14 -5.83 -34.36
CA GLY A 218 -15.19 -6.59 -35.02
C GLY A 218 -14.80 -8.05 -35.21
N GLU A 219 -13.55 -8.28 -35.64
CA GLU A 219 -13.03 -9.63 -35.84
C GLU A 219 -12.96 -10.38 -34.53
N ALA A 220 -12.45 -9.73 -33.48
CA ALA A 220 -12.32 -10.36 -32.18
C ALA A 220 -13.69 -10.69 -31.61
N ALA A 221 -14.64 -9.77 -31.78
CA ALA A 221 -15.99 -9.92 -31.25
C ALA A 221 -16.65 -11.15 -31.84
N LEU A 222 -16.39 -11.42 -33.13
CA LEU A 222 -17.03 -12.57 -33.77
C LEU A 222 -16.53 -13.88 -33.18
N VAL A 223 -15.22 -13.93 -32.88
CA VAL A 223 -14.63 -15.09 -32.25
C VAL A 223 -15.34 -15.33 -30.91
N LEU A 224 -15.51 -14.27 -30.13
CA LEU A 224 -16.14 -14.40 -28.82
C LEU A 224 -17.62 -14.81 -28.95
N LEU A 225 -18.32 -14.27 -29.96
CA LEU A 225 -19.74 -14.57 -30.13
C LEU A 225 -19.91 -16.07 -30.40
N LYS A 226 -19.02 -16.61 -31.25
CA LYS A 226 -19.10 -18.01 -31.60
C LYS A 226 -18.85 -18.97 -30.43
N ARG A 227 -18.22 -18.50 -29.35
CA ARG A 227 -18.01 -19.30 -28.15
C ARG A 227 -19.29 -19.39 -27.31
N GLY A 228 -20.32 -18.58 -27.62
CA GLY A 228 -21.66 -18.81 -27.09
C GLY A 228 -22.27 -17.59 -26.37
N CYS A 229 -21.60 -16.43 -26.42
CA CYS A 229 -22.13 -15.20 -25.86
C CYS A 229 -23.38 -14.78 -26.64
N GLN A 230 -24.35 -14.08 -26.00
CA GLN A 230 -25.49 -13.58 -26.76
C GLN A 230 -25.16 -12.23 -27.41
N VAL A 231 -24.44 -11.38 -26.69
CA VAL A 231 -23.99 -10.07 -27.11
C VAL A 231 -22.53 -9.92 -26.71
N VAL A 232 -21.71 -9.34 -27.60
CA VAL A 232 -20.32 -9.02 -27.32
C VAL A 232 -20.12 -7.53 -27.57
N ILE A 233 -19.49 -6.84 -26.59
CA ILE A 233 -19.11 -5.45 -26.71
C ILE A 233 -17.62 -5.33 -26.42
N ILE A 234 -16.88 -4.67 -27.31
CA ILE A 234 -15.47 -4.38 -27.06
C ILE A 234 -15.34 -2.85 -27.01
N THR A 235 -14.84 -2.32 -25.88
CA THR A 235 -14.62 -0.90 -25.75
C THR A 235 -13.25 -0.51 -26.31
N LEU A 236 -13.20 0.69 -26.88
CA LEU A 236 -12.10 1.13 -27.73
C LEU A 236 -11.60 2.52 -27.33
N GLY A 237 -11.62 2.82 -26.03
CA GLY A 237 -11.13 4.12 -25.60
C GLY A 237 -11.85 5.26 -26.32
N ALA A 238 -11.05 6.18 -26.90
CA ALA A 238 -11.57 7.37 -27.55
C ALA A 238 -12.37 7.03 -28.80
N GLU A 239 -12.28 5.78 -29.29
CA GLU A 239 -13.03 5.34 -30.46
C GLU A 239 -14.42 4.79 -30.11
N GLY A 240 -14.79 4.77 -28.82
CA GLY A 240 -16.12 4.32 -28.45
C GLY A 240 -16.15 2.83 -28.20
N CYS A 241 -17.01 2.11 -28.93
CA CYS A 241 -17.12 0.67 -28.74
C CYS A 241 -17.70 0.02 -29.99
N VAL A 242 -17.57 -1.30 -30.05
CA VAL A 242 -18.12 -2.12 -31.12
C VAL A 242 -19.01 -3.19 -30.47
N VAL A 243 -20.18 -3.48 -31.09
CA VAL A 243 -21.08 -4.48 -30.58
C VAL A 243 -21.55 -5.43 -31.69
N LEU A 244 -21.77 -6.67 -31.31
CA LEU A 244 -22.56 -7.56 -32.16
C LEU A 244 -23.30 -8.57 -31.28
N SER A 245 -24.30 -9.22 -31.90
CA SER A 245 -25.12 -10.13 -31.16
C SER A 245 -25.50 -11.31 -32.02
N GLN A 246 -26.05 -12.34 -31.39
CA GLN A 246 -26.53 -13.51 -32.13
C GLN A 246 -27.59 -13.07 -33.15
N THR A 247 -28.43 -12.09 -32.76
CA THR A 247 -29.53 -11.64 -33.61
C THR A 247 -29.01 -10.77 -34.76
N GLU A 248 -27.98 -9.94 -34.45
CA GLU A 248 -27.38 -9.03 -35.41
C GLU A 248 -25.87 -9.19 -35.38
N PRO A 249 -25.33 -10.22 -36.07
CA PRO A 249 -23.91 -10.57 -35.95
C PRO A 249 -22.95 -9.66 -36.72
N GLU A 250 -23.49 -8.72 -37.50
CA GLU A 250 -22.62 -7.73 -38.14
C GLU A 250 -22.19 -6.70 -37.11
N PRO A 251 -20.87 -6.46 -36.95
CA PRO A 251 -20.35 -5.47 -36.01
C PRO A 251 -20.86 -4.07 -36.31
N LYS A 252 -21.25 -3.38 -35.24
CA LYS A 252 -21.69 -2.00 -35.30
C LYS A 252 -20.71 -1.20 -34.45
N HIS A 253 -20.09 -0.17 -35.05
CA HIS A 253 -19.20 0.73 -34.34
C HIS A 253 -20.01 1.91 -33.83
N ILE A 254 -20.00 2.08 -32.49
CA ILE A 254 -20.68 3.19 -31.84
C ILE A 254 -19.60 4.18 -31.37
N PRO A 255 -19.40 5.30 -32.10
CA PRO A 255 -18.39 6.29 -31.73
C PRO A 255 -18.83 7.05 -30.50
N THR A 256 -17.87 7.71 -29.85
CA THR A 256 -18.12 8.61 -28.74
C THR A 256 -17.63 9.99 -29.16
N GLU A 257 -18.30 11.07 -28.74
CA GLU A 257 -17.86 12.40 -29.13
C GLU A 257 -16.53 12.70 -28.44
N LYS A 258 -15.74 13.54 -29.12
CA LYS A 258 -14.39 13.89 -28.72
C LYS A 258 -14.48 14.83 -27.52
N VAL A 259 -13.68 14.54 -26.51
CA VAL A 259 -13.55 15.37 -25.32
C VAL A 259 -12.07 15.52 -24.99
N LYS A 260 -11.76 16.47 -24.09
CA LYS A 260 -10.40 16.60 -23.58
C LYS A 260 -10.30 15.73 -22.33
N ALA A 261 -9.60 14.60 -22.44
CA ALA A 261 -9.44 13.67 -21.35
C ALA A 261 -8.47 14.25 -20.32
N VAL A 262 -8.91 14.30 -19.06
CA VAL A 262 -8.09 14.70 -17.92
C VAL A 262 -7.40 13.46 -17.35
N ASP A 263 -8.18 12.39 -17.19
CA ASP A 263 -7.75 11.19 -16.51
C ASP A 263 -8.68 10.05 -16.93
N THR A 264 -8.17 9.09 -17.70
CA THR A 264 -9.01 8.03 -18.25
C THR A 264 -9.16 6.88 -17.26
N THR A 265 -8.54 6.96 -16.08
CA THR A 265 -8.61 5.89 -15.10
C THR A 265 -10.08 5.62 -14.73
N GLY A 266 -10.47 4.36 -14.79
CA GLY A 266 -11.78 3.93 -14.36
C GLY A 266 -12.87 4.07 -15.43
N ALA A 267 -12.51 4.49 -16.65
CA ALA A 267 -13.52 4.70 -17.67
C ALA A 267 -14.28 3.42 -18.01
N GLY A 268 -13.55 2.31 -18.15
CA GLY A 268 -14.14 1.00 -18.40
C GLY A 268 -15.24 0.67 -17.39
N ASP A 269 -14.96 0.92 -16.09
CA ASP A 269 -15.94 0.59 -15.07
C ASP A 269 -17.13 1.55 -15.11
N SER A 270 -16.91 2.83 -15.44
CA SER A 270 -18.02 3.75 -15.65
C SER A 270 -18.94 3.23 -16.77
N PHE A 271 -18.32 2.80 -17.88
CA PHE A 271 -19.02 2.29 -19.04
C PHE A 271 -19.90 1.10 -18.66
N VAL A 272 -19.31 0.16 -17.93
CA VAL A 272 -20.00 -1.07 -17.61
C VAL A 272 -21.13 -0.77 -16.64
N GLY A 273 -20.87 0.12 -15.65
CA GLY A 273 -21.91 0.46 -14.67
C GLY A 273 -23.11 1.12 -15.32
N ALA A 274 -22.83 1.99 -16.29
CA ALA A 274 -23.88 2.63 -17.09
C ALA A 274 -24.66 1.59 -17.88
N LEU A 275 -23.95 0.68 -18.54
CA LEU A 275 -24.63 -0.35 -19.31
C LEU A 275 -25.53 -1.20 -18.39
N ALA A 276 -25.07 -1.53 -17.18
CA ALA A 276 -25.90 -2.29 -16.24
C ALA A 276 -27.18 -1.54 -15.92
N PHE A 277 -27.06 -0.23 -15.66
CA PHE A 277 -28.18 0.64 -15.39
C PHE A 277 -29.21 0.56 -16.54
N TYR A 278 -28.74 0.66 -17.78
CA TYR A 278 -29.63 0.64 -18.93
C TYR A 278 -30.28 -0.73 -19.14
N LEU A 279 -29.53 -1.80 -18.93
CA LEU A 279 -30.10 -3.12 -19.11
C LEU A 279 -31.22 -3.34 -18.07
N ALA A 280 -31.06 -2.78 -16.85
CA ALA A 280 -32.00 -3.03 -15.78
C ALA A 280 -33.24 -2.18 -15.90
N TYR A 281 -33.05 -0.89 -16.21
CA TYR A 281 -34.13 0.07 -16.13
C TYR A 281 -34.74 0.40 -17.49
N TYR A 282 -34.03 0.12 -18.60
CA TYR A 282 -34.51 0.50 -19.93
C TYR A 282 -34.37 -0.72 -20.84
N PRO A 283 -34.86 -1.92 -20.44
CA PRO A 283 -34.59 -3.15 -21.22
C PRO A 283 -35.12 -3.15 -22.64
N ASN A 284 -36.15 -2.33 -22.86
CA ASN A 284 -36.77 -2.11 -24.15
C ASN A 284 -35.83 -1.55 -25.22
N LEU A 285 -34.79 -0.81 -24.79
CA LEU A 285 -33.93 -0.08 -25.73
C LEU A 285 -33.03 -1.04 -26.49
N SER A 286 -32.69 -0.61 -27.71
CA SER A 286 -31.70 -1.26 -28.53
C SER A 286 -30.32 -1.14 -27.88
N LEU A 287 -29.48 -2.14 -28.21
CA LEU A 287 -28.09 -2.14 -27.79
C LEU A 287 -27.43 -0.83 -28.23
N GLU A 288 -27.67 -0.42 -29.48
CA GLU A 288 -27.07 0.79 -30.01
C GLU A 288 -27.37 1.99 -29.13
N ASP A 289 -28.65 2.13 -28.73
CA ASP A 289 -29.06 3.23 -27.87
C ASP A 289 -28.35 3.16 -26.51
N MET A 290 -28.39 1.97 -25.89
CA MET A 290 -27.78 1.79 -24.57
C MET A 290 -26.30 2.20 -24.64
N LEU A 291 -25.63 1.84 -25.74
CA LEU A 291 -24.18 2.01 -25.83
C LEU A 291 -23.80 3.44 -26.15
N ASN A 292 -24.64 4.14 -26.89
CA ASN A 292 -24.39 5.55 -27.11
C ASN A 292 -24.43 6.30 -25.78
N ARG A 293 -25.44 5.96 -24.96
N ARG A 293 -25.42 5.96 -24.96
CA ARG A 293 -25.61 6.60 -23.67
CA ARG A 293 -25.57 6.62 -23.68
C ARG A 293 -24.44 6.25 -22.74
C ARG A 293 -24.43 6.25 -22.74
N SER A 294 -24.05 4.97 -22.73
CA SER A 294 -23.00 4.49 -21.83
C SER A 294 -21.66 5.12 -22.23
N ASN A 295 -21.41 5.20 -23.53
CA ASN A 295 -20.24 5.91 -24.05
C ASN A 295 -20.18 7.34 -23.49
N PHE A 296 -21.32 8.05 -23.52
CA PHE A 296 -21.35 9.45 -23.13
C PHE A 296 -21.01 9.57 -21.65
N ILE A 297 -21.61 8.71 -20.82
CA ILE A 297 -21.37 8.73 -19.39
C ILE A 297 -19.89 8.45 -19.10
N ALA A 298 -19.32 7.42 -19.74
CA ALA A 298 -17.91 7.12 -19.51
C ALA A 298 -17.03 8.29 -19.99
N ALA A 299 -17.41 8.98 -21.08
CA ALA A 299 -16.64 10.12 -21.54
C ALA A 299 -16.70 11.30 -20.56
N VAL A 300 -17.80 11.45 -19.82
CA VAL A 300 -17.82 12.42 -18.73
C VAL A 300 -16.76 12.06 -17.69
N SER A 301 -16.68 10.77 -17.33
CA SER A 301 -15.74 10.35 -16.29
C SER A 301 -14.30 10.67 -16.68
N VAL A 302 -13.93 10.57 -17.96
CA VAL A 302 -12.54 10.83 -18.34
C VAL A 302 -12.19 12.30 -18.20
N GLN A 303 -13.20 13.17 -18.06
CA GLN A 303 -12.92 14.59 -17.97
C GLN A 303 -12.72 15.04 -16.53
N ALA A 304 -12.53 14.09 -15.60
CA ALA A 304 -12.30 14.40 -14.20
C ALA A 304 -11.30 13.45 -13.58
N ALA A 305 -10.64 13.94 -12.53
CA ALA A 305 -9.54 13.24 -11.89
C ALA A 305 -10.07 12.10 -11.03
N GLY A 306 -9.31 10.99 -11.02
CA GLY A 306 -9.62 9.89 -10.15
C GLY A 306 -10.56 8.88 -10.78
N THR A 307 -10.92 7.87 -9.99
CA THR A 307 -11.76 6.79 -10.45
C THR A 307 -13.18 7.04 -9.97
N GLN A 308 -13.56 6.57 -8.76
CA GLN A 308 -14.93 6.78 -8.29
C GLN A 308 -15.27 8.25 -8.20
N SER A 309 -14.29 9.10 -7.86
CA SER A 309 -14.56 10.53 -7.70
C SER A 309 -14.96 11.18 -9.03
N SER A 310 -14.63 10.53 -10.16
CA SER A 310 -14.94 11.09 -11.48
C SER A 310 -16.31 10.67 -12.00
N TYR A 311 -16.98 9.71 -11.38
CA TYR A 311 -18.19 9.17 -11.95
C TYR A 311 -19.37 10.11 -11.75
N PRO A 312 -20.07 10.51 -12.83
CA PRO A 312 -21.15 11.48 -12.68
C PRO A 312 -22.42 10.96 -12.05
N TYR A 313 -23.14 11.88 -11.41
CA TYR A 313 -24.49 11.63 -10.89
C TYR A 313 -25.57 12.03 -11.91
N LYS A 314 -26.74 11.39 -11.79
CA LYS A 314 -27.87 11.64 -12.68
C LYS A 314 -28.17 13.14 -12.78
N LYS A 315 -28.13 13.86 -11.64
CA LYS A 315 -28.61 15.23 -11.59
C LYS A 315 -27.68 16.16 -12.37
N ASP A 316 -26.48 15.69 -12.70
CA ASP A 316 -25.49 16.52 -13.36
C ASP A 316 -25.38 16.14 -14.83
N LEU A 317 -26.24 15.24 -15.31
CA LEU A 317 -26.17 14.70 -16.66
C LEU A 317 -27.39 15.19 -17.47
N PRO A 318 -27.31 15.21 -18.82
CA PRO A 318 -28.43 15.65 -19.63
C PRO A 318 -29.66 14.76 -19.53
N LEU A 319 -30.85 15.38 -19.59
CA LEU A 319 -32.13 14.70 -19.44
C LEU A 319 -32.35 13.66 -20.54
N THR A 320 -31.68 13.84 -21.69
CA THR A 320 -31.91 12.95 -22.81
C THR A 320 -31.41 11.53 -22.53
N LEU A 321 -30.45 11.38 -21.60
CA LEU A 321 -29.91 10.09 -21.24
C LEU A 321 -30.94 9.22 -20.52
N PHE A 322 -32.04 9.81 -20.03
CA PHE A 322 -33.02 9.10 -19.24
C PHE A 322 -34.40 8.96 -19.90
N LEU A 323 -34.57 9.14 -21.23
CA LEU A 323 -35.86 8.96 -21.90
C LEU A 323 -36.09 7.47 -22.22
N GLU A 324 -37.34 6.99 -22.13
CA GLU A 324 -37.65 5.56 -22.17
C GLU A 324 -37.50 5.01 -23.60
N HIS A 325 -37.73 5.91 -24.53
CA HIS A 325 -37.83 5.58 -25.94
C HIS A 325 -36.51 5.94 -26.63
N HIS A 326 -36.29 5.33 -27.81
CA HIS A 326 -35.18 5.66 -28.70
C HIS A 326 -35.14 7.17 -28.95
N HIS A 327 -33.94 7.75 -28.94
CA HIS A 327 -33.70 9.15 -29.25
C HIS A 327 -32.69 9.19 -30.41
N HIS A 328 -32.58 10.36 -31.06
CA HIS A 328 -31.54 10.61 -32.06
C HIS A 328 -30.25 11.02 -31.32
N GLU B 14 7.11 7.68 36.22
CA GLU B 14 8.29 6.85 35.83
C GLU B 14 9.13 7.62 34.81
N VAL B 15 10.37 7.93 35.19
CA VAL B 15 11.23 8.81 34.40
C VAL B 15 11.79 8.01 33.23
N ALA B 16 11.62 8.52 32.00
CA ALA B 16 12.14 7.85 30.84
C ALA B 16 13.65 8.03 30.76
N ALA B 17 14.38 6.92 30.60
CA ALA B 17 15.82 7.03 30.46
C ALA B 17 16.20 7.19 28.99
N VAL B 18 15.36 6.66 28.09
CA VAL B 18 15.64 6.72 26.66
C VAL B 18 14.55 7.55 26.00
N VAL B 19 14.95 8.63 25.33
CA VAL B 19 14.02 9.45 24.56
C VAL B 19 14.39 9.33 23.08
N VAL B 20 13.40 8.97 22.26
CA VAL B 20 13.62 8.84 20.84
C VAL B 20 12.83 9.94 20.14
N VAL B 21 13.52 10.84 19.42
CA VAL B 21 12.85 11.85 18.64
C VAL B 21 13.00 11.43 17.20
N GLY B 22 11.94 11.02 16.54
CA GLY B 22 12.08 10.40 15.23
C GLY B 22 10.75 9.91 14.69
N SER B 23 10.82 8.95 13.77
CA SER B 23 9.74 8.67 12.84
C SER B 23 8.89 7.45 13.27
N CYS B 24 7.58 7.54 13.00
CA CYS B 24 6.64 6.42 12.97
C CYS B 24 6.06 6.33 11.55
N MET B 25 6.10 5.14 10.98
CA MET B 25 5.63 4.95 9.62
C MET B 25 4.82 3.66 9.58
N THR B 26 3.75 3.69 8.81
CA THR B 26 3.01 2.50 8.49
C THR B 26 3.61 1.82 7.26
N ASP B 27 4.00 0.56 7.43
CA ASP B 27 4.56 -0.23 6.34
C ASP B 27 3.44 -0.95 5.61
N LEU B 28 3.32 -0.71 4.29
CA LEU B 28 2.28 -1.27 3.45
C LEU B 28 2.96 -2.19 2.44
N VAL B 29 2.94 -3.49 2.77
CA VAL B 29 3.82 -4.44 2.09
C VAL B 29 3.02 -5.38 1.20
N SER B 30 3.41 -5.42 -0.09
CA SER B 30 2.84 -6.34 -1.06
C SER B 30 3.93 -7.31 -1.51
N LEU B 31 3.61 -8.58 -1.45
CA LEU B 31 4.50 -9.65 -1.90
C LEU B 31 4.04 -10.14 -3.24
N THR B 32 4.99 -10.24 -4.19
N THR B 32 4.99 -10.34 -4.15
CA THR B 32 4.71 -10.51 -5.58
CA THR B 32 4.69 -10.59 -5.54
C THR B 32 5.69 -11.58 -6.08
C THR B 32 5.69 -11.62 -6.07
N SER B 33 5.39 -12.18 -7.23
CA SER B 33 6.40 -13.04 -7.88
C SER B 33 7.38 -12.18 -8.67
N ARG B 34 6.85 -11.15 -9.36
CA ARG B 34 7.65 -10.25 -10.18
C ARG B 34 7.44 -8.78 -9.79
N LEU B 35 8.47 -7.95 -9.97
CA LEU B 35 8.33 -6.52 -9.73
C LEU B 35 7.78 -5.87 -11.00
N PRO B 36 6.88 -4.88 -10.87
CA PRO B 36 6.25 -4.28 -12.05
C PRO B 36 7.18 -3.29 -12.75
N LYS B 37 7.06 -3.19 -14.07
CA LYS B 37 7.71 -2.19 -14.89
C LYS B 37 6.74 -1.02 -15.12
N THR B 38 7.26 0.07 -15.71
CA THR B 38 6.47 1.28 -15.91
C THR B 38 5.20 0.96 -16.68
N GLY B 39 4.06 1.43 -16.15
CA GLY B 39 2.78 1.32 -16.80
C GLY B 39 2.08 -0.02 -16.54
N GLU B 40 2.74 -0.93 -15.84
CA GLU B 40 2.23 -2.28 -15.63
C GLU B 40 1.42 -2.36 -14.34
N THR B 41 0.34 -3.14 -14.43
CA THR B 41 -0.36 -3.65 -13.27
C THR B 41 0.01 -5.12 -13.11
N ILE B 42 0.47 -5.51 -11.94
CA ILE B 42 0.70 -6.91 -11.64
C ILE B 42 -0.15 -7.31 -10.44
N HIS B 43 -0.40 -8.62 -10.33
CA HIS B 43 -1.06 -9.16 -9.17
C HIS B 43 -0.05 -9.87 -8.30
N GLY B 44 -0.07 -9.52 -7.01
CA GLY B 44 0.70 -10.17 -5.96
C GLY B 44 -0.15 -11.16 -5.17
N HIS B 45 0.46 -11.83 -4.20
CA HIS B 45 -0.18 -12.93 -3.51
C HIS B 45 -0.47 -12.63 -2.03
N LYS B 46 0.08 -11.56 -1.47
CA LYS B 46 -0.15 -11.25 -0.07
C LYS B 46 0.15 -9.79 0.20
N PHE B 47 -0.67 -9.18 1.06
CA PHE B 47 -0.48 -7.82 1.53
C PHE B 47 -0.53 -7.84 3.04
N PHE B 48 0.32 -7.02 3.66
CA PHE B 48 0.14 -6.83 5.10
C PHE B 48 0.62 -5.47 5.52
N ILE B 49 0.08 -5.09 6.68
CA ILE B 49 0.44 -3.84 7.33
C ILE B 49 1.36 -4.13 8.50
N GLY B 50 2.43 -3.33 8.58
CA GLY B 50 3.35 -3.43 9.70
C GLY B 50 3.58 -2.06 10.33
N PHE B 51 3.90 -2.03 11.63
CA PHE B 51 4.38 -0.81 12.23
C PHE B 51 5.89 -0.66 12.03
N GLY B 52 6.31 0.46 11.43
CA GLY B 52 7.71 0.71 11.22
C GLY B 52 8.07 2.17 11.50
N GLY B 53 9.06 2.65 10.75
CA GLY B 53 9.72 3.90 11.09
C GLY B 53 10.95 3.62 11.95
N LYS B 54 12.10 4.18 11.56
CA LYS B 54 13.32 3.84 12.26
C LYS B 54 13.27 4.28 13.72
N GLY B 55 12.68 5.45 13.98
CA GLY B 55 12.59 5.94 15.37
C GLY B 55 11.77 5.01 16.25
N ALA B 56 10.55 4.69 15.78
CA ALA B 56 9.68 3.80 16.53
C ALA B 56 10.32 2.43 16.67
N ASN B 57 10.94 1.91 15.59
CA ASN B 57 11.55 0.59 15.65
C ASN B 57 12.60 0.54 16.78
N GLN B 58 13.45 1.58 16.85
CA GLN B 58 14.53 1.62 17.84
C GLN B 58 13.92 1.69 19.24
N CYS B 59 12.90 2.53 19.38
CA CYS B 59 12.22 2.76 20.66
C CYS B 59 11.59 1.46 21.16
N VAL B 60 10.97 0.69 20.24
CA VAL B 60 10.33 -0.56 20.56
C VAL B 60 11.35 -1.59 21.03
N GLN B 61 12.52 -1.68 20.35
CA GLN B 61 13.50 -2.65 20.83
C GLN B 61 14.01 -2.28 22.22
N ALA B 62 14.26 -1.01 22.47
CA ALA B 62 14.74 -0.60 23.77
C ALA B 62 13.71 -0.93 24.85
N ALA B 63 12.45 -0.61 24.59
CA ALA B 63 11.35 -0.85 25.52
C ALA B 63 11.22 -2.33 25.85
N ARG B 64 11.36 -3.20 24.84
CA ARG B 64 11.21 -4.62 25.05
C ARG B 64 12.34 -5.21 25.89
N LEU B 65 13.50 -4.51 25.93
CA LEU B 65 14.60 -4.94 26.78
C LEU B 65 14.39 -4.48 28.22
N GLY B 66 13.44 -3.58 28.43
CA GLY B 66 13.10 -3.12 29.78
C GLY B 66 13.27 -1.62 29.97
N ALA B 67 13.70 -0.89 28.95
CA ALA B 67 13.91 0.54 29.07
C ALA B 67 12.57 1.24 29.30
N MET B 68 12.62 2.29 30.15
CA MET B 68 11.55 3.27 30.20
C MET B 68 11.82 4.30 29.12
N THR B 69 10.98 4.30 28.06
CA THR B 69 11.18 5.10 26.87
C THR B 69 10.04 6.10 26.69
N SER B 70 10.34 7.14 25.89
CA SER B 70 9.37 8.14 25.48
C SER B 70 9.62 8.45 24.00
N MET B 71 8.54 8.35 23.19
CA MET B 71 8.62 8.51 21.74
C MET B 71 8.10 9.88 21.36
N VAL B 72 9.00 10.77 20.87
CA VAL B 72 8.61 12.09 20.47
C VAL B 72 8.45 12.04 18.96
N CYS B 73 7.23 12.22 18.48
CA CYS B 73 6.94 11.97 17.09
C CYS B 73 5.62 12.62 16.72
N LYS B 74 5.27 12.56 15.43
CA LYS B 74 4.00 13.07 14.97
C LYS B 74 3.41 12.15 13.92
N VAL B 75 2.14 11.79 14.13
CA VAL B 75 1.40 10.96 13.20
C VAL B 75 0.18 11.73 12.73
N GLY B 76 -0.59 11.12 11.81
CA GLY B 76 -1.80 11.74 11.32
C GLY B 76 -2.98 11.51 12.26
N LYS B 77 -3.97 12.37 12.10
CA LYS B 77 -5.31 12.19 12.65
C LYS B 77 -6.11 11.31 11.70
N ASP B 78 -5.72 10.03 11.67
CA ASP B 78 -6.22 9.06 10.72
C ASP B 78 -6.14 7.71 11.41
N SER B 79 -6.72 6.71 10.75
CA SER B 79 -6.71 5.35 11.29
C SER B 79 -5.29 4.84 11.54
N PHE B 80 -4.36 5.05 10.61
CA PHE B 80 -2.99 4.62 10.73
C PHE B 80 -2.36 5.27 11.99
N GLY B 81 -2.65 6.53 12.22
CA GLY B 81 -2.10 7.25 13.37
C GLY B 81 -2.62 6.76 14.72
N ASN B 82 -3.93 6.62 14.79
CA ASN B 82 -4.58 6.08 15.97
C ASN B 82 -4.01 4.70 16.29
N ASP B 83 -3.86 3.87 15.25
CA ASP B 83 -3.30 2.54 15.41
C ASP B 83 -1.88 2.61 15.94
N TYR B 84 -1.10 3.56 15.41
CA TYR B 84 0.30 3.70 15.78
C TYR B 84 0.40 4.01 17.28
N ILE B 85 -0.42 4.94 17.76
CA ILE B 85 -0.43 5.31 19.16
C ILE B 85 -0.73 4.08 20.03
N GLU B 86 -1.70 3.25 19.62
N GLU B 86 -1.68 3.23 19.62
CA GLU B 86 -2.00 2.05 20.35
CA GLU B 86 -1.99 2.04 20.40
C GLU B 86 -0.79 1.10 20.36
C GLU B 86 -0.79 1.07 20.35
N ASN B 87 -0.11 0.99 19.21
CA ASN B 87 1.11 0.17 19.09
C ASN B 87 2.16 0.60 20.13
N LEU B 88 2.37 1.91 20.28
CA LEU B 88 3.35 2.39 21.22
C LEU B 88 2.94 2.03 22.66
N LYS B 89 1.67 2.24 22.97
CA LYS B 89 1.17 1.96 24.30
C LYS B 89 1.31 0.47 24.60
N GLN B 90 1.02 -0.39 23.62
CA GLN B 90 1.11 -1.83 23.85
C GLN B 90 2.54 -2.27 24.10
N ASN B 91 3.52 -1.48 23.63
CA ASN B 91 4.93 -1.75 23.85
C ASN B 91 5.46 -0.98 25.08
N ASP B 92 4.57 -0.42 25.91
CA ASP B 92 4.91 0.23 27.17
C ASP B 92 5.76 1.48 26.95
N ILE B 93 5.56 2.13 25.81
CA ILE B 93 6.28 3.36 25.46
C ILE B 93 5.41 4.56 25.85
N SER B 94 6.00 5.58 26.49
CA SER B 94 5.27 6.81 26.76
C SER B 94 4.92 7.54 25.46
N THR B 95 3.64 7.97 25.36
CA THR B 95 3.14 8.69 24.20
C THR B 95 2.78 10.12 24.58
N GLU B 96 3.38 10.62 25.68
CA GLU B 96 3.10 11.97 26.15
C GLU B 96 3.39 13.02 25.06
N PHE B 97 4.38 12.75 24.21
CA PHE B 97 4.78 13.67 23.15
C PHE B 97 4.74 12.99 21.79
N THR B 98 3.76 12.10 21.61
CA THR B 98 3.33 11.60 20.33
C THR B 98 2.16 12.46 19.87
N TYR B 99 2.43 13.36 18.91
CA TYR B 99 1.45 14.31 18.41
C TYR B 99 0.64 13.75 17.25
N GLN B 100 -0.53 14.38 16.99
CA GLN B 100 -1.34 14.06 15.81
C GLN B 100 -1.66 15.32 15.04
N THR B 101 -1.62 15.26 13.71
CA THR B 101 -1.92 16.41 12.87
C THR B 101 -2.95 16.05 11.81
N LYS B 102 -3.82 17.04 11.50
CA LYS B 102 -4.74 16.90 10.37
C LYS B 102 -4.09 17.36 9.05
N ASP B 103 -2.84 17.87 9.08
CA ASP B 103 -2.24 18.49 7.90
C ASP B 103 -1.48 17.54 6.97
N ALA B 104 -1.21 16.32 7.46
CA ALA B 104 -0.66 15.30 6.59
C ALA B 104 -1.06 13.96 7.17
N ALA B 105 -1.12 12.98 6.28
CA ALA B 105 -1.31 11.59 6.66
C ALA B 105 -0.12 11.08 7.47
N THR B 106 -0.36 10.07 8.29
CA THR B 106 0.71 9.35 8.94
C THR B 106 1.73 8.92 7.89
N GLY B 107 3.02 8.95 8.22
CA GLY B 107 4.05 8.47 7.31
C GLY B 107 3.78 7.05 6.82
N THR B 108 4.13 6.79 5.55
CA THR B 108 3.91 5.48 4.95
C THR B 108 5.17 5.03 4.24
N ALA B 109 5.41 3.73 4.29
CA ALA B 109 6.38 3.09 3.41
C ALA B 109 5.63 2.03 2.60
N SER B 110 5.52 2.26 1.29
CA SER B 110 4.89 1.29 0.40
C SER B 110 5.99 0.42 -0.17
N ILE B 111 5.92 -0.87 0.10
CA ILE B 111 7.03 -1.80 -0.09
C ILE B 111 6.52 -2.94 -0.95
N ILE B 112 7.12 -3.12 -2.13
N ILE B 112 7.18 -3.17 -2.10
CA ILE B 112 6.84 -4.28 -2.95
CA ILE B 112 6.85 -4.25 -3.02
C ILE B 112 8.08 -5.18 -2.84
C ILE B 112 8.04 -5.22 -3.10
N VAL B 113 7.86 -6.48 -2.64
CA VAL B 113 8.94 -7.45 -2.51
C VAL B 113 8.64 -8.66 -3.39
N ASN B 114 9.62 -9.12 -4.19
CA ASN B 114 9.46 -10.35 -4.95
C ASN B 114 9.95 -11.55 -4.13
N ASN B 115 9.82 -12.75 -4.70
CA ASN B 115 10.13 -13.99 -4.01
C ASN B 115 11.63 -14.18 -3.85
N GLU B 116 12.45 -13.39 -4.54
CA GLU B 116 13.90 -13.41 -4.32
C GLU B 116 14.31 -12.37 -3.29
N GLY B 117 13.37 -11.55 -2.80
CA GLY B 117 13.66 -10.60 -1.75
C GLY B 117 14.10 -9.26 -2.29
N GLN B 118 14.06 -9.06 -3.62
CA GLN B 118 14.27 -7.74 -4.21
C GLN B 118 13.04 -6.87 -3.98
N ASN B 119 13.26 -5.55 -3.86
CA ASN B 119 12.15 -4.67 -3.51
C ASN B 119 12.18 -3.35 -4.29
N ILE B 120 10.99 -2.73 -4.34
CA ILE B 120 10.79 -1.34 -4.71
C ILE B 120 10.15 -0.68 -3.49
N ILE B 121 10.67 0.46 -3.01
CA ILE B 121 10.12 1.12 -1.83
C ILE B 121 9.83 2.59 -2.12
N VAL B 122 8.64 3.05 -1.72
CA VAL B 122 8.31 4.46 -1.81
C VAL B 122 7.93 4.94 -0.42
N ILE B 123 8.75 5.82 0.12
CA ILE B 123 8.52 6.41 1.42
C ILE B 123 7.85 7.77 1.26
N VAL B 124 6.76 7.99 2.02
CA VAL B 124 6.15 9.30 2.10
C VAL B 124 6.16 9.66 3.59
N ALA B 125 7.06 10.57 3.95
CA ALA B 125 7.28 10.77 5.38
C ALA B 125 6.06 11.42 6.03
N GLY B 126 5.29 12.24 5.27
CA GLY B 126 4.02 12.76 5.75
C GLY B 126 4.14 13.49 7.10
N ALA B 127 3.30 13.11 8.06
CA ALA B 127 3.16 13.82 9.33
C ALA B 127 4.48 13.87 10.10
N ASN B 128 5.38 12.90 9.89
CA ASN B 128 6.68 12.91 10.55
C ASN B 128 7.40 14.24 10.31
N LEU B 129 7.30 14.76 9.09
CA LEU B 129 8.00 15.99 8.73
C LEU B 129 7.45 17.20 9.46
N LEU B 130 6.20 17.12 9.96
CA LEU B 130 5.61 18.27 10.63
C LEU B 130 5.90 18.29 12.13
N LEU B 131 6.67 17.36 12.67
CA LEU B 131 7.18 17.49 14.03
C LEU B 131 8.13 18.66 14.04
N ASN B 132 7.80 19.72 14.77
CA ASN B 132 8.53 20.98 14.67
C ASN B 132 9.23 21.32 15.99
N THR B 133 10.02 22.41 16.01
CA THR B 133 10.82 22.75 17.16
C THR B 133 9.94 23.18 18.35
N GLU B 134 8.72 23.67 18.10
CA GLU B 134 7.79 24.00 19.18
C GLU B 134 7.36 22.71 19.88
N ASP B 135 7.05 21.69 19.07
CA ASP B 135 6.66 20.38 19.56
C ASP B 135 7.76 19.79 20.45
N LEU B 136 9.03 19.98 20.05
N LEU B 136 9.01 20.01 20.06
CA LEU B 136 10.15 19.45 20.80
CA LEU B 136 10.10 19.41 20.78
C LEU B 136 10.28 20.15 22.14
C LEU B 136 10.35 20.15 22.10
N ARG B 137 10.17 21.47 22.09
CA ARG B 137 10.40 22.28 23.28
C ARG B 137 9.46 21.87 24.43
N ALA B 138 8.22 21.50 24.11
CA ALA B 138 7.29 20.99 25.13
C ALA B 138 7.87 19.79 25.89
N ALA B 139 8.78 19.03 25.26
CA ALA B 139 9.39 17.82 25.83
C ALA B 139 10.69 18.12 26.57
N ALA B 140 11.02 19.38 26.82
CA ALA B 140 12.36 19.71 27.30
C ALA B 140 12.66 19.10 28.67
N ASN B 141 11.67 19.03 29.55
CA ASN B 141 11.87 18.49 30.88
C ASN B 141 12.19 17.00 30.80
N VAL B 142 11.44 16.26 29.96
CA VAL B 142 11.66 14.83 29.76
C VAL B 142 13.04 14.60 29.14
N ILE B 143 13.40 15.33 28.10
CA ILE B 143 14.73 15.23 27.50
C ILE B 143 15.80 15.48 28.55
N SER B 144 15.64 16.54 29.36
CA SER B 144 16.65 16.92 30.33
C SER B 144 16.88 15.84 31.40
N ARG B 145 15.90 14.97 31.67
CA ARG B 145 16.01 13.97 32.72
C ARG B 145 16.40 12.59 32.18
N ALA B 146 16.54 12.47 30.86
CA ALA B 146 16.90 11.23 30.16
C ALA B 146 18.40 10.95 30.26
N LYS B 147 18.78 9.74 29.88
CA LYS B 147 20.16 9.31 29.85
C LYS B 147 20.65 9.33 28.41
N VAL B 148 19.76 8.98 27.45
CA VAL B 148 20.10 8.87 26.03
C VAL B 148 18.98 9.46 25.17
N MET B 149 19.40 10.27 24.20
CA MET B 149 18.56 10.78 23.13
C MET B 149 18.95 10.08 21.82
N VAL B 150 17.95 9.58 21.10
CA VAL B 150 18.18 8.88 19.85
C VAL B 150 17.46 9.59 18.71
N CYS B 151 18.19 9.86 17.61
CA CYS B 151 17.62 10.50 16.42
C CYS B 151 18.11 9.78 15.15
N GLN B 152 17.34 9.97 14.06
CA GLN B 152 17.71 9.47 12.76
C GLN B 152 17.55 10.58 11.72
N LEU B 153 17.43 10.20 10.45
CA LEU B 153 17.24 11.16 9.36
C LEU B 153 15.91 10.93 8.63
N GLU B 154 14.84 10.58 9.35
CA GLU B 154 13.52 10.40 8.77
C GLU B 154 12.52 11.51 9.12
N ILE B 155 12.91 12.49 9.95
CA ILE B 155 12.10 13.67 10.17
C ILE B 155 12.85 14.87 9.57
N THR B 156 12.32 16.07 9.78
CA THR B 156 12.96 17.27 9.28
C THR B 156 14.30 17.50 10.01
N PRO B 157 15.40 17.77 9.25
CA PRO B 157 16.71 17.97 9.86
C PRO B 157 16.74 19.02 10.97
N ALA B 158 16.04 20.14 10.80
CA ALA B 158 16.08 21.19 11.80
C ALA B 158 15.60 20.65 13.15
N THR B 159 14.59 19.75 13.11
CA THR B 159 14.00 19.24 14.34
C THR B 159 15.00 18.29 15.00
N SER B 160 15.62 17.39 14.24
CA SER B 160 16.60 16.46 14.80
C SER B 160 17.80 17.24 15.36
N LEU B 161 18.22 18.31 14.68
CA LEU B 161 19.37 19.07 15.17
C LEU B 161 19.03 19.75 16.50
N GLU B 162 17.81 20.27 16.60
CA GLU B 162 17.39 20.88 17.85
C GLU B 162 17.34 19.85 18.98
N ALA B 163 16.86 18.64 18.70
CA ALA B 163 16.80 17.59 19.72
C ALA B 163 18.19 17.25 20.26
N LEU B 164 19.16 17.08 19.34
CA LEU B 164 20.52 16.75 19.72
C LEU B 164 21.10 17.91 20.53
N THR B 165 20.78 19.14 20.13
CA THR B 165 21.28 20.32 20.83
C THR B 165 20.74 20.34 22.26
N MET B 166 19.46 20.08 22.42
CA MET B 166 18.82 20.07 23.73
C MET B 166 19.48 19.01 24.62
N ALA B 167 19.70 17.82 24.07
CA ALA B 167 20.30 16.74 24.84
C ALA B 167 21.70 17.19 25.30
N ARG B 168 22.46 17.76 24.37
CA ARG B 168 23.82 18.19 24.70
C ARG B 168 23.83 19.21 25.83
N ARG B 169 22.91 20.15 25.79
CA ARG B 169 22.82 21.20 26.80
C ARG B 169 22.60 20.62 28.19
N SER B 170 21.93 19.47 28.30
CA SER B 170 21.62 18.81 29.56
C SER B 170 22.59 17.67 29.87
N GLY B 171 23.58 17.45 29.00
CA GLY B 171 24.57 16.40 29.20
C GLY B 171 24.01 14.99 29.03
N VAL B 172 22.97 14.89 28.21
CA VAL B 172 22.34 13.64 27.85
C VAL B 172 23.09 13.10 26.64
N LYS B 173 23.45 11.82 26.69
CA LYS B 173 24.20 11.17 25.64
C LYS B 173 23.41 11.17 24.33
N THR B 174 24.03 11.57 23.22
CA THR B 174 23.39 11.53 21.91
C THR B 174 23.83 10.32 21.09
N LEU B 175 22.84 9.59 20.60
CA LEU B 175 23.00 8.47 19.67
C LEU B 175 22.27 8.80 18.38
N PHE B 176 23.04 8.93 17.30
CA PHE B 176 22.54 9.40 16.04
C PHE B 176 22.77 8.31 15.01
N ASN B 177 21.70 8.00 14.26
CA ASN B 177 21.68 7.01 13.20
C ASN B 177 21.37 7.73 11.88
N PRO B 178 22.39 8.05 11.03
CA PRO B 178 22.18 8.86 9.81
C PRO B 178 21.55 8.07 8.68
N ALA B 179 20.27 7.73 8.89
CA ALA B 179 19.58 6.76 8.04
C ALA B 179 18.17 7.30 7.77
N PRO B 180 17.73 7.35 6.50
CA PRO B 180 18.57 7.05 5.33
C PRO B 180 19.64 8.13 5.11
N ALA B 181 20.77 7.76 4.53
CA ALA B 181 21.88 8.69 4.39
C ALA B 181 21.69 9.55 3.14
N ILE B 182 22.27 10.76 3.22
CA ILE B 182 22.38 11.71 2.12
C ILE B 182 23.84 12.15 2.04
N ALA B 183 24.29 12.43 0.80
CA ALA B 183 25.67 12.79 0.53
C ALA B 183 26.13 14.00 1.35
N ASP B 184 25.35 15.08 1.42
CA ASP B 184 25.86 16.32 1.99
C ASP B 184 25.18 16.66 3.30
N LEU B 185 25.38 15.78 4.30
CA LEU B 185 24.78 15.95 5.61
C LEU B 185 25.32 17.19 6.33
N ASP B 186 24.45 17.91 7.01
CA ASP B 186 24.84 19.08 7.80
C ASP B 186 25.99 18.69 8.73
N PRO B 187 27.12 19.43 8.71
CA PRO B 187 28.24 19.14 9.59
C PRO B 187 27.89 19.04 11.07
N GLN B 188 26.83 19.75 11.50
CA GLN B 188 26.45 19.70 12.90
C GLN B 188 26.00 18.32 13.34
N PHE B 189 25.51 17.48 12.43
CA PHE B 189 25.08 16.16 12.85
C PHE B 189 26.27 15.42 13.46
N TYR B 190 27.47 15.60 12.92
CA TYR B 190 28.62 14.89 13.44
C TYR B 190 29.02 15.45 14.79
N THR B 191 29.13 16.78 14.86
CA THR B 191 29.67 17.40 16.06
C THR B 191 28.72 17.28 17.25
N LEU B 192 27.43 17.05 17.00
CA LEU B 192 26.43 16.85 18.07
C LEU B 192 26.24 15.39 18.47
N SER B 193 26.97 14.46 17.82
N SER B 193 26.96 14.46 17.82
CA SER B 193 26.83 13.03 18.02
CA SER B 193 26.77 13.04 18.07
C SER B 193 27.90 12.48 18.96
C SER B 193 27.87 12.49 18.96
N ASP B 194 27.48 11.99 20.14
CA ASP B 194 28.38 11.24 21.00
C ASP B 194 28.67 9.86 20.41
N VAL B 195 27.63 9.23 19.85
CA VAL B 195 27.73 7.94 19.20
C VAL B 195 26.99 8.04 17.88
N PHE B 196 27.71 7.71 16.81
CA PHE B 196 27.22 7.84 15.45
C PHE B 196 27.24 6.44 14.86
N CYS B 197 26.06 5.90 14.54
CA CYS B 197 25.96 4.49 14.16
C CYS B 197 25.24 4.38 12.82
N CYS B 198 25.89 3.73 11.84
CA CYS B 198 25.26 3.57 10.53
C CYS B 198 25.67 2.22 9.94
N ASN B 199 25.05 1.84 8.82
CA ASN B 199 25.38 0.61 8.13
C ASN B 199 26.38 0.86 6.99
N GLU B 200 26.74 -0.24 6.29
CA GLU B 200 27.82 -0.10 5.31
C GLU B 200 27.39 0.80 4.14
N SER B 201 26.14 0.64 3.68
N SER B 201 26.15 0.61 3.64
CA SER B 201 25.71 1.40 2.52
CA SER B 201 25.64 1.42 2.52
C SER B 201 25.56 2.88 2.86
C SER B 201 25.63 2.90 2.89
N GLU B 202 25.14 3.19 4.10
CA GLU B 202 25.14 4.57 4.58
C GLU B 202 26.54 5.14 4.64
N ALA B 203 27.48 4.39 5.20
CA ALA B 203 28.86 4.88 5.29
C ALA B 203 29.43 5.21 3.92
N GLU B 204 29.11 4.41 2.91
CA GLU B 204 29.54 4.65 1.54
C GLU B 204 28.98 5.98 1.01
N ILE B 205 27.70 6.23 1.22
CA ILE B 205 27.09 7.46 0.77
C ILE B 205 27.72 8.66 1.48
N LEU B 206 27.93 8.53 2.80
CA LEU B 206 28.42 9.65 3.61
C LEU B 206 29.87 9.98 3.30
N THR B 207 30.70 8.97 2.96
CA THR B 207 32.14 9.17 2.82
C THR B 207 32.65 9.10 1.39
N GLY B 208 31.89 8.46 0.50
CA GLY B 208 32.32 8.23 -0.86
C GLY B 208 33.31 7.08 -0.99
N LEU B 209 33.55 6.35 0.10
CA LEU B 209 34.46 5.23 0.09
C LEU B 209 33.65 3.98 -0.20
N THR B 210 34.28 3.00 -0.87
CA THR B 210 33.68 1.69 -1.03
C THR B 210 33.91 0.90 0.26
N VAL B 211 32.84 0.31 0.79
CA VAL B 211 32.96 -0.50 2.00
C VAL B 211 32.58 -1.94 1.66
N GLY B 212 33.58 -2.81 1.55
CA GLY B 212 33.36 -4.20 1.18
C GLY B 212 34.08 -5.18 2.11
N SER B 213 34.56 -4.68 3.26
CA SER B 213 35.25 -5.47 4.25
C SER B 213 35.21 -4.72 5.57
N ALA B 214 35.50 -5.42 6.68
CA ALA B 214 35.66 -4.74 7.96
C ALA B 214 36.79 -3.71 7.90
N ALA B 215 37.89 -4.03 7.21
CA ALA B 215 38.99 -3.07 7.09
C ALA B 215 38.53 -1.81 6.37
N ASP B 216 37.80 -1.96 5.26
CA ASP B 216 37.21 -0.82 4.55
C ASP B 216 36.28 0.00 5.45
N ALA B 217 35.46 -0.67 6.26
CA ALA B 217 34.58 0.01 7.20
C ALA B 217 35.37 0.82 8.22
N GLY B 218 36.52 0.31 8.64
CA GLY B 218 37.41 1.04 9.53
C GLY B 218 37.85 2.37 8.92
N GLU B 219 38.17 2.36 7.64
CA GLU B 219 38.62 3.55 6.93
C GLU B 219 37.48 4.53 6.81
N ALA B 220 36.26 4.08 6.49
CA ALA B 220 35.12 4.97 6.37
C ALA B 220 34.78 5.56 7.73
N ALA B 221 34.88 4.74 8.80
CA ALA B 221 34.58 5.17 10.16
C ALA B 221 35.51 6.31 10.55
N LEU B 222 36.78 6.24 10.11
CA LEU B 222 37.71 7.27 10.51
C LEU B 222 37.35 8.62 9.90
N VAL B 223 36.87 8.63 8.65
CA VAL B 223 36.40 9.85 8.03
C VAL B 223 35.27 10.45 8.88
N LEU B 224 34.31 9.62 9.29
CA LEU B 224 33.19 10.09 10.09
C LEU B 224 33.68 10.65 11.42
N LEU B 225 34.67 9.99 12.03
CA LEU B 225 35.23 10.43 13.30
C LEU B 225 35.84 11.82 13.16
N LYS B 226 36.60 12.04 12.08
CA LYS B 226 37.31 13.30 11.90
C LYS B 226 36.36 14.44 11.59
N ARG B 227 35.12 14.13 11.18
CA ARG B 227 34.10 15.16 11.00
C ARG B 227 33.51 15.64 12.32
N GLY B 228 33.83 14.98 13.44
CA GLY B 228 33.54 15.52 14.77
C GLY B 228 32.76 14.58 15.70
N CYS B 229 32.52 13.35 15.29
CA CYS B 229 31.87 12.35 16.12
C CYS B 229 32.80 11.89 17.24
N GLN B 230 32.24 11.46 18.38
CA GLN B 230 33.09 10.96 19.47
C GLN B 230 33.36 9.45 19.31
N VAL B 231 32.32 8.73 18.90
CA VAL B 231 32.36 7.29 18.67
C VAL B 231 31.64 7.00 17.36
N VAL B 232 32.23 6.14 16.53
CA VAL B 232 31.62 5.74 15.26
C VAL B 232 31.50 4.22 15.24
N ILE B 233 30.31 3.74 14.91
CA ILE B 233 30.02 2.32 14.74
C ILE B 233 29.47 2.13 13.34
N ILE B 234 30.07 1.20 12.57
CA ILE B 234 29.50 0.81 11.29
C ILE B 234 29.07 -0.64 11.43
N THR B 235 27.78 -0.89 11.19
CA THR B 235 27.27 -2.25 11.26
C THR B 235 27.49 -2.92 9.90
N LEU B 236 27.71 -4.23 9.96
CA LEU B 236 28.23 -4.98 8.81
C LEU B 236 27.40 -6.25 8.60
N GLY B 237 26.10 -6.22 8.87
CA GLY B 237 25.30 -7.42 8.67
C GLY B 237 25.89 -8.61 9.43
N ALA B 238 26.07 -9.74 8.72
CA ALA B 238 26.51 -10.97 9.32
C ALA B 238 27.93 -10.88 9.84
N GLU B 239 28.70 -9.84 9.45
CA GLU B 239 30.04 -9.63 9.94
C GLU B 239 30.10 -8.84 11.25
N GLY B 240 28.94 -8.50 11.83
CA GLY B 240 28.90 -7.85 13.13
C GLY B 240 29.02 -6.33 12.95
N CYS B 241 30.04 -5.74 13.58
CA CYS B 241 30.22 -4.31 13.47
C CYS B 241 31.68 -3.95 13.68
N VAL B 242 32.02 -2.68 13.36
N VAL B 242 32.01 -2.68 13.39
CA VAL B 242 33.33 -2.10 13.61
CA VAL B 242 33.33 -2.16 13.69
C VAL B 242 33.12 -0.80 14.41
C VAL B 242 33.17 -0.80 14.37
N VAL B 243 34.00 -0.55 15.39
CA VAL B 243 33.92 0.65 16.21
C VAL B 243 35.27 1.36 16.28
N LEU B 244 35.22 2.68 16.33
CA LEU B 244 36.38 3.44 16.80
C LEU B 244 35.91 4.68 17.52
N SER B 245 36.82 5.28 18.26
CA SER B 245 36.47 6.47 19.02
C SER B 245 37.63 7.45 19.02
N GLN B 246 37.37 8.66 19.49
CA GLN B 246 38.42 9.66 19.58
C GLN B 246 39.52 9.17 20.53
N THR B 247 39.13 8.45 21.61
CA THR B 247 40.10 7.99 22.58
C THR B 247 40.84 6.76 22.06
N GLU B 248 40.17 5.90 21.26
CA GLU B 248 40.77 4.71 20.67
C GLU B 248 40.46 4.65 19.18
N PRO B 249 41.23 5.37 18.35
CA PRO B 249 40.90 5.51 16.92
C PRO B 249 41.22 4.29 16.06
N GLU B 250 41.88 3.28 16.63
CA GLU B 250 42.15 2.05 15.93
C GLU B 250 40.86 1.23 15.79
N PRO B 251 40.46 0.81 14.58
CA PRO B 251 39.19 0.11 14.42
C PRO B 251 39.22 -1.26 15.10
N LYS B 252 38.11 -1.57 15.76
CA LYS B 252 37.92 -2.86 16.43
C LYS B 252 36.74 -3.55 15.75
N HIS B 253 36.98 -4.77 15.25
CA HIS B 253 35.95 -5.56 14.62
C HIS B 253 35.33 -6.47 15.68
N ILE B 254 34.01 -6.32 15.87
CA ILE B 254 33.25 -7.12 16.81
C ILE B 254 32.37 -8.07 15.99
N PRO B 255 32.76 -9.36 15.85
CA PRO B 255 31.94 -10.32 15.11
C PRO B 255 30.67 -10.65 15.86
N THR B 256 29.71 -11.26 15.15
CA THR B 256 28.48 -11.80 15.71
C THR B 256 28.47 -13.29 15.35
N GLU B 257 27.87 -14.16 16.17
CA GLU B 257 27.85 -15.59 15.81
C GLU B 257 26.91 -15.81 14.63
N LYS B 258 27.23 -16.85 13.85
CA LYS B 258 26.51 -17.21 12.64
C LYS B 258 25.16 -17.81 13.03
N VAL B 259 24.10 -17.31 12.40
CA VAL B 259 22.75 -17.78 12.55
C VAL B 259 22.14 -17.96 11.17
N LYS B 260 20.99 -18.66 11.11
CA LYS B 260 20.23 -18.75 9.87
C LYS B 260 19.22 -17.63 9.85
N ALA B 261 19.44 -16.64 8.99
CA ALA B 261 18.58 -15.48 8.92
C ALA B 261 17.27 -15.84 8.24
N VAL B 262 16.14 -15.53 8.89
CA VAL B 262 14.81 -15.67 8.33
C VAL B 262 14.44 -14.38 7.57
N ASP B 263 14.76 -13.22 8.17
CA ASP B 263 14.40 -11.92 7.62
C ASP B 263 15.25 -10.86 8.30
N THR B 264 16.19 -10.25 7.56
CA THR B 264 17.11 -9.31 8.16
C THR B 264 16.51 -7.92 8.26
N THR B 265 15.28 -7.70 7.78
CA THR B 265 14.64 -6.40 7.84
C THR B 265 14.57 -5.92 9.29
N GLY B 266 14.98 -4.65 9.51
CA GLY B 266 14.88 -4.01 10.81
C GLY B 266 16.02 -4.36 11.79
N ALA B 267 17.05 -5.10 11.35
CA ALA B 267 18.14 -5.47 12.25
C ALA B 267 18.92 -4.26 12.73
N GLY B 268 19.15 -3.27 11.83
CA GLY B 268 19.86 -2.06 12.24
C GLY B 268 19.14 -1.34 13.38
N ASP B 269 17.81 -1.28 13.30
CA ASP B 269 17.03 -0.60 14.33
C ASP B 269 17.04 -1.39 15.63
N SER B 270 17.01 -2.72 15.55
CA SER B 270 17.15 -3.55 16.75
C SER B 270 18.50 -3.28 17.43
N PHE B 271 19.55 -3.20 16.62
CA PHE B 271 20.92 -2.95 17.10
C PHE B 271 20.99 -1.60 17.79
N VAL B 272 20.42 -0.58 17.16
CA VAL B 272 20.51 0.78 17.72
C VAL B 272 19.67 0.85 19.00
N GLY B 273 18.49 0.23 19.03
CA GLY B 273 17.65 0.26 20.21
C GLY B 273 18.28 -0.48 21.38
N ALA B 274 18.94 -1.61 21.09
CA ALA B 274 19.72 -2.31 22.11
C ALA B 274 20.85 -1.43 22.64
N LEU B 275 21.60 -0.82 21.72
CA LEU B 275 22.69 0.06 22.15
C LEU B 275 22.16 1.19 23.04
N ALA B 276 21.00 1.77 22.72
CA ALA B 276 20.43 2.83 23.54
C ALA B 276 20.15 2.32 24.95
N PHE B 277 19.55 1.12 25.03
CA PHE B 277 19.27 0.48 26.30
C PHE B 277 20.55 0.33 27.13
N TYR B 278 21.63 -0.17 26.53
CA TYR B 278 22.87 -0.39 27.26
C TYR B 278 23.54 0.94 27.67
N LEU B 279 23.52 1.94 26.78
CA LEU B 279 24.10 3.23 27.15
C LEU B 279 23.35 3.83 28.34
N ALA B 280 22.04 3.61 28.42
CA ALA B 280 21.21 4.25 29.43
C ALA B 280 21.33 3.53 30.76
N TYR B 281 21.27 2.20 30.75
CA TYR B 281 21.12 1.43 31.97
C TYR B 281 22.39 0.68 32.40
N TYR B 282 23.36 0.53 31.51
CA TYR B 282 24.57 -0.23 31.80
C TYR B 282 25.80 0.62 31.48
N PRO B 283 25.87 1.88 31.97
CA PRO B 283 26.85 2.85 31.48
C PRO B 283 28.31 2.46 31.73
N ASN B 284 28.53 1.63 32.76
CA ASN B 284 29.86 1.16 33.13
C ASN B 284 30.37 -0.05 32.36
N LEU B 285 29.57 -0.64 31.48
CA LEU B 285 30.10 -1.65 30.55
C LEU B 285 31.04 -0.98 29.57
N SER B 286 32.04 -1.74 29.09
CA SER B 286 32.88 -1.26 28.01
C SER B 286 32.05 -1.15 26.73
N LEU B 287 32.46 -0.26 25.83
CA LEU B 287 31.77 -0.10 24.56
C LEU B 287 31.77 -1.42 23.81
N GLU B 288 32.90 -2.12 23.84
CA GLU B 288 33.02 -3.41 23.17
C GLU B 288 31.96 -4.39 23.69
N ASP B 289 31.80 -4.46 25.03
CA ASP B 289 30.81 -5.32 25.65
C ASP B 289 29.40 -4.94 25.21
N MET B 290 29.07 -3.64 25.24
CA MET B 290 27.77 -3.18 24.80
C MET B 290 27.48 -3.62 23.34
N LEU B 291 28.51 -3.60 22.49
CA LEU B 291 28.33 -3.91 21.07
C LEU B 291 28.19 -5.41 20.85
N ASN B 292 28.89 -6.21 21.64
CA ASN B 292 28.70 -7.65 21.60
C ASN B 292 27.25 -7.99 21.93
N ARG B 293 26.72 -7.37 22.98
CA ARG B 293 25.35 -7.65 23.41
C ARG B 293 24.35 -7.17 22.35
N SER B 294 24.59 -5.99 21.78
CA SER B 294 23.69 -5.41 20.81
C SER B 294 23.69 -6.27 19.54
N ASN B 295 24.88 -6.72 19.13
CA ASN B 295 25.01 -7.66 18.02
C ASN B 295 24.14 -8.90 18.26
N PHE B 296 24.19 -9.44 19.49
CA PHE B 296 23.48 -10.67 19.81
C PHE B 296 21.97 -10.46 19.68
N ILE B 297 21.48 -9.35 20.25
CA ILE B 297 20.05 -9.04 20.21
C ILE B 297 19.59 -8.83 18.77
N ALA B 298 20.38 -8.08 17.98
CA ALA B 298 20.04 -7.87 16.58
C ALA B 298 20.05 -9.20 15.82
N ALA B 299 20.97 -10.11 16.16
CA ALA B 299 21.01 -11.40 15.48
C ALA B 299 19.78 -12.26 15.84
N VAL B 300 19.21 -12.11 17.03
CA VAL B 300 17.95 -12.75 17.33
C VAL B 300 16.86 -12.21 16.40
N SER B 301 16.84 -10.88 16.19
CA SER B 301 15.79 -10.28 15.37
C SER B 301 15.81 -10.85 13.96
N VAL B 302 17.00 -11.16 13.42
CA VAL B 302 17.03 -11.62 12.03
C VAL B 302 16.46 -13.03 11.91
N GLN B 303 16.26 -13.71 13.05
CA GLN B 303 15.75 -15.07 13.01
C GLN B 303 14.23 -15.13 13.11
N ALA B 304 13.56 -14.01 12.87
CA ALA B 304 12.12 -13.95 12.80
C ALA B 304 11.66 -12.98 11.72
N ALA B 305 10.46 -13.28 11.17
CA ALA B 305 9.88 -12.51 10.08
C ALA B 305 9.38 -11.16 10.59
N GLY B 306 9.55 -10.14 9.75
CA GLY B 306 9.04 -8.82 10.04
C GLY B 306 10.06 -7.96 10.80
N THR B 307 9.59 -6.77 11.14
CA THR B 307 10.41 -5.77 11.78
C THR B 307 10.09 -5.80 13.29
N GLN B 308 9.12 -5.02 13.75
CA GLN B 308 8.86 -4.98 15.19
C GLN B 308 8.40 -6.34 15.71
N SER B 309 7.76 -7.17 14.87
CA SER B 309 7.28 -8.47 15.32
C SER B 309 8.47 -9.39 15.64
N SER B 310 9.66 -9.09 15.12
CA SER B 310 10.86 -9.88 15.37
C SER B 310 11.68 -9.46 16.60
N TYR B 311 11.39 -8.31 17.21
CA TYR B 311 12.28 -7.80 18.23
C TYR B 311 12.08 -8.51 19.56
N PRO B 312 13.13 -9.12 20.13
CA PRO B 312 12.93 -9.93 21.32
C PRO B 312 12.68 -9.14 22.59
N TYR B 313 11.98 -9.80 23.50
CA TYR B 313 11.74 -9.30 24.84
C TYR B 313 12.81 -9.84 25.77
N LYS B 314 13.11 -9.09 26.83
CA LYS B 314 14.08 -9.50 27.85
C LYS B 314 13.80 -10.91 28.34
N LYS B 315 12.52 -11.27 28.54
CA LYS B 315 12.14 -12.55 29.14
C LYS B 315 12.53 -13.72 28.24
N ASP B 316 12.78 -13.47 26.96
CA ASP B 316 13.03 -14.54 26.01
C ASP B 316 14.52 -14.58 25.65
N LEU B 317 15.34 -13.75 26.33
CA LEU B 317 16.75 -13.63 26.01
C LEU B 317 17.58 -14.23 27.14
N PRO B 318 18.84 -14.64 26.87
CA PRO B 318 19.72 -15.18 27.91
C PRO B 318 20.02 -14.19 29.03
N LEU B 319 20.03 -14.69 30.28
N LEU B 319 20.01 -14.69 30.27
CA LEU B 319 20.13 -13.83 31.46
CA LEU B 319 20.11 -13.83 31.45
C LEU B 319 21.46 -13.08 31.51
C LEU B 319 21.45 -13.07 31.50
N THR B 320 22.48 -13.64 30.83
CA THR B 320 23.81 -13.06 30.83
C THR B 320 23.85 -11.69 30.10
N LEU B 321 22.90 -11.43 29.20
CA LEU B 321 22.82 -10.12 28.52
C LEU B 321 22.51 -8.98 29.49
N PHE B 322 22.00 -9.29 30.69
CA PHE B 322 21.47 -8.29 31.61
C PHE B 322 22.25 -8.26 32.92
N LEU B 323 23.33 -9.03 33.01
CA LEU B 323 24.22 -8.99 34.16
C LEU B 323 25.22 -7.84 33.98
N GLU B 324 25.54 -7.18 35.10
CA GLU B 324 26.42 -6.03 35.09
C GLU B 324 27.83 -6.57 35.21
N HIS B 325 28.80 -5.85 34.62
CA HIS B 325 30.21 -6.18 34.75
C HIS B 325 30.53 -7.45 33.95
#